data_8U1R
#
_entry.id   8U1R
#
_entity_poly.entity_id   1
_entity_poly.type   'polypeptide(L)'
_entity_poly.pdbx_seq_one_letter_code
;MAFLKSAIICYLLFYPHIVKSSLHYDSLSKVGIIKGLTYNYKIKGSPSTKLMVVKLIPNIDGVRNCTQKQFDEYKNLVKN
VLEPVKLALNAMLDNVKSCNNKYRFAGACMAGVALGVATAATVTAGIALHRSNENAQAIANMKNAIQNTNEAVKQLQLAN
KQTLAVIDTIRGEINNNIIPVINQLSCDTIGLSVGIKLTQYYSEILTAFGPALQNPVNTRITIQAISSVFNRNFDELLKI
MGYTSGDLYEILHSGLIRGNIIDVDVEAGYIALEIEFPNLTLVPNAVVQELMPISYNVDGDEWVTLVPRFVLTRTTLLSN
IDTSRCTVTESSVICDNDYALPMSYELIGCLQGDTSKCAREKVVSSYVPRFALSDGLVYANCLNTICRCMDTDTPISQSL
GTTVSLLDNKKCLVYQVGDILISVGSYLGEGEYSADNVELGPPVVIDKIDIGNQLAGINQTLQNAEDYIEKSEEGGSGYI
PEAPRDGQAYVRKDGEWVLLSTFLGRSLEVLFQGPGHHHHHHHHSAWSHPQFEKGGGSGGGGSGGSAWSHPQFEK
;
_entity_poly.pdbx_strand_id   A,B,C
#
# COMPACT_ATOMS: atom_id res chain seq x y z
N SER A 22 22.90 -29.27 -0.92
CA SER A 22 23.61 -28.12 -1.48
C SER A 22 24.21 -27.26 -0.37
N LEU A 23 23.35 -26.77 0.52
CA LEU A 23 23.81 -25.96 1.64
C LEU A 23 24.61 -26.80 2.62
N HIS A 24 25.62 -26.19 3.22
CA HIS A 24 26.43 -26.84 4.26
C HIS A 24 25.85 -26.44 5.61
N TYR A 25 24.90 -27.25 6.08
CA TYR A 25 24.10 -26.86 7.24
C TYR A 25 24.92 -26.86 8.54
N ASP A 26 25.95 -27.70 8.63
CA ASP A 26 26.73 -27.77 9.85
C ASP A 26 27.52 -26.49 10.10
N SER A 27 28.22 -26.00 9.07
CA SER A 27 28.97 -24.75 9.20
C SER A 27 28.04 -23.57 9.44
N LEU A 28 26.89 -23.56 8.75
CA LEU A 28 25.92 -22.49 8.95
C LEU A 28 25.38 -22.50 10.38
N SER A 29 25.11 -23.69 10.93
CA SER A 29 24.69 -23.78 12.33
C SER A 29 25.79 -23.28 13.26
N LYS A 30 27.04 -23.65 12.97
CA LYS A 30 28.16 -23.14 13.75
C LYS A 30 28.33 -21.63 13.63
N VAL A 31 27.79 -21.04 12.57
CA VAL A 31 27.85 -19.60 12.37
C VAL A 31 26.55 -18.98 12.85
N GLY A 32 25.52 -19.81 13.02
CA GLY A 32 24.26 -19.33 13.54
C GLY A 32 23.17 -19.21 12.50
N ILE A 33 23.11 -20.15 11.56
CA ILE A 33 22.13 -20.15 10.49
C ILE A 33 21.44 -21.51 10.54
N ILE A 34 20.12 -21.50 10.61
CA ILE A 34 19.35 -22.69 10.94
C ILE A 34 18.46 -23.05 9.76
N LYS A 35 18.45 -24.33 9.39
CA LYS A 35 17.58 -24.82 8.33
C LYS A 35 16.11 -24.63 8.71
N GLY A 36 15.33 -24.03 7.81
CA GLY A 36 13.92 -23.80 8.05
C GLY A 36 13.05 -24.70 7.22
N LEU A 37 11.84 -24.21 6.93
CA LEU A 37 10.90 -24.96 6.12
C LEU A 37 11.39 -25.05 4.67
N THR A 38 10.96 -26.11 3.99
CA THR A 38 11.25 -26.30 2.58
C THR A 38 9.95 -26.22 1.79
N TYR A 39 9.94 -25.42 0.74
CA TYR A 39 8.74 -25.14 -0.04
C TYR A 39 8.90 -25.64 -1.47
N ASN A 40 7.76 -25.98 -2.08
CA ASN A 40 7.75 -26.23 -3.51
C ASN A 40 7.83 -24.90 -4.27
N TYR A 41 8.01 -24.99 -5.58
CA TYR A 41 8.18 -23.80 -6.42
C TYR A 41 7.23 -23.89 -7.60
N LYS A 42 6.49 -22.80 -7.84
CA LYS A 42 5.44 -22.79 -8.86
C LYS A 42 5.55 -21.56 -9.73
N ILE A 43 5.25 -21.73 -11.02
CA ILE A 43 5.29 -20.64 -12.00
C ILE A 43 4.00 -20.64 -12.80
N LYS A 44 3.51 -19.45 -13.12
CA LYS A 44 2.37 -19.31 -14.01
C LYS A 44 2.65 -19.93 -15.37
N GLY A 45 1.63 -20.61 -15.93
CA GLY A 45 1.79 -21.20 -17.24
C GLY A 45 0.48 -21.73 -17.79
N SER A 46 0.33 -21.63 -19.11
CA SER A 46 -0.81 -22.11 -19.87
C SER A 46 -2.14 -21.59 -19.32
N PRO A 47 -2.44 -20.31 -19.51
CA PRO A 47 -3.64 -19.74 -18.89
C PRO A 47 -4.90 -20.06 -19.67
N SER A 48 -5.99 -20.25 -18.93
CA SER A 48 -7.32 -20.28 -19.52
C SER A 48 -8.01 -18.93 -19.33
N THR A 49 -8.87 -18.59 -20.29
CA THR A 49 -9.45 -17.25 -20.33
C THR A 49 -10.96 -17.32 -20.33
N LYS A 50 -11.58 -16.35 -19.66
CA LYS A 50 -13.03 -16.17 -19.67
C LYS A 50 -13.34 -14.69 -19.79
N LEU A 51 -14.54 -14.40 -20.28
CA LEU A 51 -14.92 -13.04 -20.66
C LEU A 51 -15.81 -12.39 -19.60
N MET A 52 -15.63 -11.10 -19.40
CA MET A 52 -16.54 -10.29 -18.59
C MET A 52 -16.77 -8.97 -19.30
N VAL A 53 -17.98 -8.45 -19.20
CA VAL A 53 -18.33 -7.15 -19.77
C VAL A 53 -18.71 -6.25 -18.60
N VAL A 54 -17.87 -5.26 -18.31
CA VAL A 54 -18.19 -4.25 -17.30
C VAL A 54 -18.86 -3.09 -18.01
N LYS A 55 -20.14 -2.85 -17.71
CA LYS A 55 -20.93 -1.85 -18.41
C LYS A 55 -20.94 -0.57 -17.59
N LEU A 56 -20.47 0.52 -18.20
CA LEU A 56 -20.42 1.80 -17.51
C LEU A 56 -21.76 2.52 -17.56
N ILE A 57 -22.51 2.36 -18.64
CA ILE A 57 -23.81 3.01 -18.81
C ILE A 57 -24.88 1.96 -18.51
N PRO A 58 -25.58 2.05 -17.39
CA PRO A 58 -26.46 0.95 -16.97
C PRO A 58 -27.84 1.06 -17.60
N ASN A 59 -28.61 -0.01 -17.42
CA ASN A 59 -30.04 0.06 -17.64
C ASN A 59 -30.70 0.78 -16.47
N ILE A 60 -31.56 1.74 -16.77
CA ILE A 60 -32.04 2.67 -15.76
C ILE A 60 -33.56 2.68 -15.72
N ASP A 61 -34.17 1.65 -16.29
CA ASP A 61 -35.62 1.58 -16.37
C ASP A 61 -36.24 1.59 -14.98
N GLY A 62 -37.27 2.41 -14.81
CA GLY A 62 -37.93 2.57 -13.54
C GLY A 62 -37.74 3.96 -12.95
N VAL A 63 -36.52 4.49 -13.08
CA VAL A 63 -36.19 5.83 -12.62
C VAL A 63 -35.75 6.72 -13.77
N ARG A 64 -36.14 6.38 -15.01
CA ARG A 64 -35.65 7.12 -16.17
C ARG A 64 -36.23 8.52 -16.25
N ASN A 65 -37.43 8.73 -15.71
CA ASN A 65 -38.08 10.03 -15.81
C ASN A 65 -37.39 11.08 -14.95
N CYS A 66 -37.03 10.72 -13.72
CA CYS A 66 -36.48 11.69 -12.79
C CYS A 66 -34.98 11.89 -12.93
N THR A 67 -34.30 11.06 -13.73
CA THR A 67 -32.86 11.13 -13.87
C THR A 67 -32.44 11.64 -15.24
N GLN A 68 -33.32 12.37 -15.93
CA GLN A 68 -33.06 12.74 -17.33
C GLN A 68 -31.84 13.66 -17.45
N LYS A 69 -31.70 14.61 -16.54
CA LYS A 69 -30.59 15.55 -16.64
C LYS A 69 -29.26 14.89 -16.31
N GLN A 70 -29.22 14.12 -15.22
CA GLN A 70 -27.97 13.53 -14.78
C GLN A 70 -27.51 12.39 -15.69
N PHE A 71 -28.46 11.65 -16.28
CA PHE A 71 -28.08 10.50 -17.09
C PHE A 71 -27.38 10.93 -18.37
N ASP A 72 -27.85 12.01 -19.01
CA ASP A 72 -27.21 12.49 -20.22
C ASP A 72 -25.81 13.01 -19.93
N GLU A 73 -25.64 13.73 -18.82
CA GLU A 73 -24.32 14.21 -18.44
C GLU A 73 -23.38 13.05 -18.14
N TYR A 74 -23.88 12.01 -17.47
CA TYR A 74 -23.06 10.83 -17.22
C TYR A 74 -22.70 10.11 -18.51
N LYS A 75 -23.64 10.07 -19.46
CA LYS A 75 -23.35 9.47 -20.77
C LYS A 75 -22.25 10.23 -21.48
N ASN A 76 -22.31 11.55 -21.45
CA ASN A 76 -21.26 12.36 -22.07
C ASN A 76 -19.92 12.14 -21.39
N LEU A 77 -19.91 12.04 -20.06
CA LEU A 77 -18.66 11.77 -19.35
C LEU A 77 -18.09 10.41 -19.71
N VAL A 78 -18.94 9.39 -19.83
CA VAL A 78 -18.48 8.05 -20.20
C VAL A 78 -17.91 8.06 -21.61
N LYS A 79 -18.58 8.78 -22.53
CA LYS A 79 -18.06 8.89 -23.89
C LYS A 79 -16.69 9.57 -23.90
N ASN A 80 -16.55 10.65 -23.13
CA ASN A 80 -15.29 11.38 -23.09
C ASN A 80 -14.18 10.55 -22.46
N VAL A 81 -14.51 9.66 -21.53
CA VAL A 81 -13.48 8.85 -20.91
C VAL A 81 -13.19 7.57 -21.70
N LEU A 82 -14.09 7.17 -22.61
CA LEU A 82 -13.87 5.93 -23.33
C LEU A 82 -13.36 6.14 -24.75
N GLU A 83 -13.54 7.33 -25.33
CA GLU A 83 -13.05 7.56 -26.69
C GLU A 83 -11.53 7.43 -26.83
N PRO A 84 -10.69 8.01 -25.96
CA PRO A 84 -9.24 7.77 -26.10
C PRO A 84 -8.84 6.32 -25.92
N VAL A 85 -9.61 5.53 -25.15
CA VAL A 85 -9.30 4.12 -25.00
C VAL A 85 -9.53 3.37 -26.31
N LYS A 86 -10.69 3.61 -26.94
CA LYS A 86 -10.97 2.95 -28.21
C LYS A 86 -10.04 3.42 -29.30
N LEU A 87 -9.59 4.68 -29.23
CA LEU A 87 -8.62 5.15 -30.21
C LEU A 87 -7.32 4.37 -30.11
N ALA A 88 -6.82 4.16 -28.88
CA ALA A 88 -5.61 3.38 -28.70
C ALA A 88 -5.79 1.92 -29.10
N LEU A 89 -6.95 1.33 -28.79
CA LEU A 89 -7.20 -0.05 -29.17
C LEU A 89 -7.26 -0.19 -30.69
N ASN A 90 -7.91 0.76 -31.38
CA ASN A 90 -7.98 0.71 -32.83
C ASN A 90 -6.61 0.91 -33.45
N ALA A 91 -5.69 1.47 -32.68
CA ALA A 91 -4.29 1.57 -33.18
C ALA A 91 -3.61 0.19 -33.19
N MET A 92 -3.25 -0.36 -32.04
CA MET A 92 -2.47 -1.64 -32.01
C MET A 92 -3.13 -2.70 -32.88
N LEU A 93 -4.47 -2.75 -32.89
CA LEU A 93 -5.20 -3.77 -33.69
C LEU A 93 -4.85 -3.58 -35.17
N ASP A 94 -5.03 -2.36 -35.68
CA ASP A 94 -4.74 -2.08 -37.12
C ASP A 94 -3.25 -2.30 -37.39
N ASN A 95 -2.39 -2.04 -36.39
CA ASN A 95 -0.94 -2.29 -36.54
C ASN A 95 -0.72 -3.75 -36.97
N VAL A 96 -1.48 -4.67 -36.37
CA VAL A 96 -1.39 -6.11 -36.77
C VAL A 96 -2.21 -6.31 -38.04
N LYS A 97 -3.48 -5.87 -38.05
CA LYS A 97 -4.36 -6.08 -39.22
C LYS A 97 -3.58 -5.67 -40.47
N SER A 98 -2.83 -4.58 -40.39
CA SER A 98 -1.99 -4.16 -41.54
C SER A 98 -1.36 -5.40 -42.14
N CYS A 99 -0.44 -6.02 -41.41
CA CYS A 99 0.27 -7.19 -41.96
C CYS A 99 -0.60 -8.45 -41.77
N CYS A 109 1.12 -10.79 -37.40
CA CYS A 109 2.41 -10.08 -37.50
C CYS A 109 2.25 -8.62 -37.09
N MET A 110 3.12 -8.14 -36.19
CA MET A 110 3.02 -6.74 -35.70
C MET A 110 3.99 -5.89 -36.52
N ALA A 111 3.48 -4.89 -37.24
CA ALA A 111 4.35 -4.06 -38.08
C ALA A 111 5.33 -3.31 -37.21
N GLY A 112 6.63 -3.40 -37.51
CA GLY A 112 7.66 -2.74 -36.69
C GLY A 112 7.81 -1.28 -37.04
N VAL A 113 7.38 -0.88 -38.23
CA VAL A 113 7.46 0.50 -38.67
C VAL A 113 6.38 1.34 -38.00
N ALA A 114 5.17 0.80 -37.88
CA ALA A 114 4.11 1.63 -37.31
C ALA A 114 4.35 1.79 -35.80
N LEU A 115 4.75 0.72 -35.11
CA LEU A 115 4.90 0.80 -33.63
C LEU A 115 6.13 1.63 -33.26
N GLY A 116 7.12 1.75 -34.15
CA GLY A 116 8.24 2.63 -33.89
C GLY A 116 9.12 2.13 -32.76
N VAL A 117 8.60 2.17 -31.53
CA VAL A 117 9.33 1.67 -30.37
C VAL A 117 8.34 0.94 -29.46
N ALA A 118 8.79 -0.17 -28.89
CA ALA A 118 8.00 -1.01 -28.01
C ALA A 118 8.90 -2.08 -27.41
N THR A 119 8.57 -2.50 -26.19
CA THR A 119 9.26 -3.62 -25.57
C THR A 119 8.58 -4.92 -25.96
N ALA A 120 9.23 -6.04 -25.62
CA ALA A 120 8.72 -7.35 -26.01
C ALA A 120 7.35 -7.63 -25.42
N ALA A 121 7.12 -7.22 -24.17
CA ALA A 121 5.83 -7.45 -23.54
C ALA A 121 4.72 -6.71 -24.28
N THR A 122 4.99 -5.48 -24.73
CA THR A 122 3.98 -4.71 -25.45
C THR A 122 3.62 -5.36 -26.79
N VAL A 123 4.62 -5.85 -27.53
CA VAL A 123 4.33 -6.46 -28.82
C VAL A 123 3.59 -7.78 -28.63
N THR A 124 3.98 -8.56 -27.61
CA THR A 124 3.27 -9.80 -27.31
C THR A 124 1.83 -9.52 -26.91
N ALA A 125 1.61 -8.48 -26.10
CA ALA A 125 0.26 -8.11 -25.70
C ALA A 125 -0.57 -7.66 -26.89
N GLY A 126 0.03 -6.91 -27.82
CA GLY A 126 -0.71 -6.53 -29.02
C GLY A 126 -1.08 -7.71 -29.89
N ILE A 127 -0.18 -8.67 -30.03
CA ILE A 127 -0.49 -9.88 -30.78
C ILE A 127 -1.61 -10.65 -30.11
N ALA A 128 -1.57 -10.77 -28.79
CA ALA A 128 -2.65 -11.44 -28.06
C ALA A 128 -3.97 -10.70 -28.22
N LEU A 129 -3.92 -9.36 -28.23
CA LEU A 129 -5.13 -8.57 -28.42
C LEU A 129 -5.74 -8.81 -29.80
N HIS A 130 -4.90 -8.88 -30.83
CA HIS A 130 -5.42 -9.20 -32.16
C HIS A 130 -6.00 -10.61 -32.20
N ARG A 131 -5.34 -11.56 -31.54
CA ARG A 131 -5.85 -12.93 -31.51
C ARG A 131 -7.18 -13.02 -30.78
N SER A 132 -7.40 -12.13 -29.81
CA SER A 132 -8.65 -12.09 -29.06
C SER A 132 -9.69 -11.15 -29.68
N ASN A 133 -9.33 -10.45 -30.77
CA ASN A 133 -10.31 -9.64 -31.48
C ASN A 133 -11.51 -10.44 -31.97
N GLU A 134 -11.35 -11.75 -32.20
CA GLU A 134 -12.51 -12.57 -32.57
C GLU A 134 -13.52 -12.63 -31.42
N ASN A 135 -13.05 -12.86 -30.20
CA ASN A 135 -13.94 -12.82 -29.05
C ASN A 135 -14.47 -11.42 -28.82
N ALA A 136 -13.69 -10.39 -29.16
CA ALA A 136 -14.16 -9.03 -29.06
C ALA A 136 -15.36 -8.80 -29.98
N GLN A 137 -15.26 -9.28 -31.22
CA GLN A 137 -16.38 -9.17 -32.16
C GLN A 137 -17.58 -10.00 -31.70
N ALA A 138 -17.32 -11.17 -31.13
CA ALA A 138 -18.42 -11.98 -30.59
C ALA A 138 -19.14 -11.26 -29.45
N ILE A 139 -18.39 -10.57 -28.59
CA ILE A 139 -19.00 -9.76 -27.54
C ILE A 139 -19.82 -8.63 -28.14
N ALA A 140 -19.24 -7.94 -29.15
CA ALA A 140 -19.95 -6.84 -29.79
C ALA A 140 -21.22 -7.28 -30.48
N ASN A 141 -21.29 -8.54 -30.92
CA ASN A 141 -22.52 -9.05 -31.52
C ASN A 141 -23.69 -9.10 -30.54
N MET A 142 -23.41 -9.14 -29.23
CA MET A 142 -24.44 -9.25 -28.21
C MET A 142 -24.80 -7.90 -27.59
N LYS A 143 -24.74 -6.82 -28.37
CA LYS A 143 -24.89 -5.46 -27.85
C LYS A 143 -26.25 -5.21 -27.24
N ASN A 144 -27.33 -5.60 -27.95
CA ASN A 144 -28.67 -5.35 -27.43
C ASN A 144 -28.94 -6.16 -26.17
N ALA A 145 -28.49 -7.41 -26.13
CA ALA A 145 -28.68 -8.23 -24.93
C ALA A 145 -27.88 -7.68 -23.76
N ILE A 146 -26.68 -7.17 -24.02
CA ILE A 146 -25.89 -6.55 -22.95
C ILE A 146 -26.59 -5.31 -22.42
N GLN A 147 -27.14 -4.49 -23.32
CA GLN A 147 -27.83 -3.28 -22.90
C GLN A 147 -29.11 -3.60 -22.12
N ASN A 148 -29.77 -4.70 -22.48
CA ASN A 148 -31.06 -5.03 -21.87
C ASN A 148 -30.93 -5.76 -20.54
N THR A 149 -29.72 -6.02 -20.08
CA THR A 149 -29.53 -6.64 -18.76
C THR A 149 -30.05 -5.71 -17.67
N ASN A 150 -30.89 -6.24 -16.77
CA ASN A 150 -31.56 -5.41 -15.78
C ASN A 150 -31.34 -5.94 -14.36
N GLU A 151 -30.17 -6.50 -14.08
CA GLU A 151 -29.82 -6.91 -12.74
C GLU A 151 -28.30 -6.86 -12.59
N ALA A 152 -27.84 -7.07 -11.36
CA ALA A 152 -26.44 -6.80 -11.03
C ALA A 152 -25.49 -7.66 -11.84
N VAL A 153 -25.68 -8.98 -11.83
CA VAL A 153 -24.82 -9.91 -12.56
C VAL A 153 -25.70 -10.84 -13.38
N LYS A 154 -25.41 -10.95 -14.67
CA LYS A 154 -26.14 -11.84 -15.56
C LYS A 154 -25.17 -12.53 -16.49
N GLN A 155 -25.42 -13.81 -16.75
CA GLN A 155 -24.59 -14.62 -17.63
C GLN A 155 -25.31 -14.79 -18.96
N LEU A 156 -24.64 -14.45 -20.06
CA LEU A 156 -25.23 -14.52 -21.38
C LEU A 156 -24.55 -15.59 -22.21
N GLN A 157 -25.34 -16.35 -22.96
CA GLN A 157 -24.81 -17.38 -23.85
C GLN A 157 -24.32 -16.73 -25.13
N LEU A 158 -23.02 -16.76 -25.36
CA LEU A 158 -22.42 -16.16 -26.54
C LEU A 158 -22.65 -17.04 -27.76
N ALA A 159 -22.45 -16.46 -28.94
CA ALA A 159 -22.67 -17.19 -30.19
C ALA A 159 -21.69 -18.34 -30.36
N ASN A 160 -20.47 -18.20 -29.82
CA ASN A 160 -19.47 -19.26 -29.90
C ASN A 160 -19.62 -20.31 -28.81
N LYS A 161 -20.81 -20.42 -28.21
CA LYS A 161 -21.09 -21.26 -27.04
C LYS A 161 -20.26 -20.87 -25.82
N GLN A 162 -19.63 -19.69 -25.85
CA GLN A 162 -18.94 -19.18 -24.68
C GLN A 162 -19.93 -18.52 -23.74
N THR A 163 -19.46 -18.21 -22.53
CA THR A 163 -20.25 -17.52 -21.52
C THR A 163 -19.51 -16.28 -21.06
N LEU A 164 -20.25 -15.19 -20.89
CA LEU A 164 -19.69 -13.93 -20.41
C LEU A 164 -20.55 -13.39 -19.28
N ALA A 165 -19.91 -12.64 -18.39
CA ALA A 165 -20.57 -12.08 -17.21
C ALA A 165 -20.74 -10.58 -17.40
N VAL A 166 -21.96 -10.09 -17.18
CA VAL A 166 -22.26 -8.66 -17.28
C VAL A 166 -22.30 -8.08 -15.88
N ILE A 167 -21.64 -6.94 -15.69
CA ILE A 167 -21.60 -6.25 -14.41
C ILE A 167 -22.38 -4.95 -14.55
N ASP A 168 -23.35 -4.75 -13.65
CA ASP A 168 -24.30 -3.66 -13.74
C ASP A 168 -24.42 -3.02 -12.36
N THR A 169 -23.27 -2.67 -11.77
CA THR A 169 -23.19 -2.33 -10.36
C THR A 169 -24.23 -1.29 -9.93
N ILE A 170 -24.44 -0.27 -10.78
CA ILE A 170 -25.44 0.75 -10.45
C ILE A 170 -26.84 0.15 -10.41
N ARG A 171 -27.14 -0.76 -11.34
CA ARG A 171 -28.46 -1.38 -11.36
C ARG A 171 -28.74 -2.16 -10.09
N GLY A 172 -27.71 -2.79 -9.52
CA GLY A 172 -27.87 -3.40 -8.20
C GLY A 172 -28.16 -2.37 -7.13
N GLU A 173 -27.45 -1.25 -7.16
CA GLU A 173 -27.69 -0.17 -6.21
C GLU A 173 -29.10 0.37 -6.35
N ILE A 174 -29.55 0.55 -7.60
CA ILE A 174 -30.93 1.03 -7.82
C ILE A 174 -31.93 0.03 -7.26
N ASN A 175 -31.80 -1.24 -7.66
CA ASN A 175 -32.75 -2.27 -7.26
C ASN A 175 -32.75 -2.52 -5.76
N ASN A 176 -31.67 -2.16 -5.06
CA ASN A 176 -31.61 -2.38 -3.63
C ASN A 176 -31.98 -1.13 -2.81
N ASN A 177 -31.81 0.07 -3.36
CA ASN A 177 -31.94 1.27 -2.55
C ASN A 177 -33.01 2.26 -3.02
N ILE A 178 -33.46 2.19 -4.27
CA ILE A 178 -34.39 3.17 -4.82
C ILE A 178 -35.73 2.55 -5.16
N ILE A 179 -35.73 1.41 -5.85
CA ILE A 179 -36.94 0.70 -6.23
C ILE A 179 -37.77 0.25 -5.02
N PRO A 180 -37.19 -0.33 -3.95
CA PRO A 180 -38.03 -0.70 -2.80
C PRO A 180 -38.68 0.48 -2.10
N VAL A 181 -38.16 1.70 -2.24
CA VAL A 181 -38.72 2.86 -1.57
C VAL A 181 -39.13 3.90 -2.60
N ILE A 182 -39.55 3.44 -3.79
CA ILE A 182 -39.86 4.36 -4.87
C ILE A 182 -41.12 5.17 -4.58
N ASN A 183 -42.00 4.70 -3.70
CA ASN A 183 -43.22 5.44 -3.40
C ASN A 183 -42.97 6.62 -2.48
N GLN A 184 -41.94 6.55 -1.63
CA GLN A 184 -41.71 7.59 -0.64
C GLN A 184 -40.87 8.75 -1.16
N LEU A 185 -39.95 8.49 -2.06
CA LEU A 185 -39.03 9.52 -2.53
C LEU A 185 -39.71 10.43 -3.55
N SER A 186 -39.47 11.73 -3.44
CA SER A 186 -39.93 12.67 -4.45
C SER A 186 -39.06 12.58 -5.68
N CYS A 187 -39.55 13.12 -6.80
CA CYS A 187 -38.87 12.96 -8.08
C CYS A 187 -37.50 13.64 -8.08
N ASP A 188 -37.40 14.84 -7.50
CA ASP A 188 -36.12 15.53 -7.43
C ASP A 188 -35.12 14.78 -6.56
N THR A 189 -35.58 14.22 -5.45
CA THR A 189 -34.71 13.44 -4.58
C THR A 189 -34.18 12.19 -5.28
N ILE A 190 -35.02 11.52 -6.07
CA ILE A 190 -34.56 10.37 -6.84
C ILE A 190 -33.47 10.79 -7.82
N GLY A 191 -33.67 11.90 -8.51
CA GLY A 191 -32.67 12.37 -9.46
C GLY A 191 -31.35 12.69 -8.79
N LEU A 192 -31.41 13.40 -7.66
CA LEU A 192 -30.18 13.74 -6.94
C LEU A 192 -29.47 12.50 -6.44
N SER A 193 -30.22 11.54 -5.89
CA SER A 193 -29.60 10.33 -5.34
C SER A 193 -28.97 9.47 -6.44
N VAL A 194 -29.68 9.31 -7.56
CA VAL A 194 -29.13 8.52 -8.65
C VAL A 194 -27.93 9.23 -9.28
N GLY A 195 -27.95 10.56 -9.32
CA GLY A 195 -26.77 11.29 -9.78
C GLY A 195 -25.57 11.08 -8.89
N ILE A 196 -25.80 11.08 -7.58
CA ILE A 196 -24.71 10.79 -6.64
C ILE A 196 -24.19 9.37 -6.83
N LYS A 197 -25.10 8.42 -7.05
CA LYS A 197 -24.68 7.04 -7.28
C LYS A 197 -23.85 6.90 -8.55
N LEU A 198 -24.29 7.58 -9.63
CA LEU A 198 -23.56 7.53 -10.89
C LEU A 198 -22.18 8.15 -10.75
N THR A 199 -22.09 9.27 -10.05
CA THR A 199 -20.79 9.90 -9.80
C THR A 199 -19.90 9.00 -8.97
N GLN A 200 -20.46 8.32 -7.98
CA GLN A 200 -19.69 7.39 -7.15
C GLN A 200 -19.14 6.23 -7.98
N TYR A 201 -19.98 5.66 -8.85
CA TYR A 201 -19.51 4.55 -9.67
C TYR A 201 -18.46 4.99 -10.67
N TYR A 202 -18.63 6.19 -11.25
CA TYR A 202 -17.63 6.71 -12.17
C TYR A 202 -16.30 6.96 -11.46
N SER A 203 -16.36 7.46 -10.23
CA SER A 203 -15.16 7.64 -9.42
C SER A 203 -14.48 6.31 -9.15
N GLU A 204 -15.26 5.28 -8.81
CA GLU A 204 -14.68 3.96 -8.57
C GLU A 204 -14.09 3.37 -9.84
N ILE A 205 -14.69 3.64 -11.00
CA ILE A 205 -14.15 3.18 -12.27
C ILE A 205 -12.80 3.85 -12.53
N LEU A 206 -12.73 5.16 -12.29
CA LEU A 206 -11.46 5.86 -12.46
C LEU A 206 -10.41 5.39 -11.46
N THR A 207 -10.83 4.93 -10.29
CA THR A 207 -9.87 4.45 -9.30
C THR A 207 -9.26 3.12 -9.72
N ALA A 208 -10.08 2.19 -10.24
CA ALA A 208 -9.61 0.85 -10.54
C ALA A 208 -9.02 0.75 -11.95
N PHE A 209 -9.74 1.25 -12.95
CA PHE A 209 -9.31 1.15 -14.33
C PHE A 209 -8.48 2.34 -14.79
N GLY A 210 -8.08 3.21 -13.87
CA GLY A 210 -7.32 4.40 -14.21
C GLY A 210 -6.03 4.13 -14.96
N PRO A 211 -5.17 3.26 -14.43
CA PRO A 211 -3.98 2.87 -15.19
C PRO A 211 -4.30 2.09 -16.46
N ALA A 212 -5.49 1.52 -16.58
CA ALA A 212 -5.85 0.75 -17.76
C ALA A 212 -6.37 1.63 -18.89
N LEU A 213 -7.18 2.63 -18.58
CA LEU A 213 -7.77 3.48 -19.61
C LEU A 213 -6.75 4.41 -20.25
N GLN A 214 -5.54 4.52 -19.72
CA GLN A 214 -4.49 5.31 -20.33
C GLN A 214 -3.38 4.46 -20.92
N ASN A 215 -3.49 3.13 -20.85
CA ASN A 215 -2.54 2.19 -21.43
C ASN A 215 -3.22 0.84 -21.57
N PRO A 216 -4.19 0.71 -22.48
CA PRO A 216 -5.04 -0.50 -22.48
C PRO A 216 -4.31 -1.77 -22.87
N VAL A 217 -3.30 -1.68 -23.74
CA VAL A 217 -2.71 -2.91 -24.29
C VAL A 217 -1.77 -3.55 -23.28
N ASN A 218 -1.22 -2.77 -22.35
CA ASN A 218 -0.22 -3.30 -21.44
C ASN A 218 -0.76 -3.54 -20.04
N THR A 219 -1.68 -2.70 -19.57
CA THR A 219 -2.11 -2.77 -18.18
C THR A 219 -2.98 -4.00 -17.94
N ARG A 220 -2.64 -4.74 -16.89
CA ARG A 220 -3.43 -5.88 -16.44
C ARG A 220 -3.93 -5.61 -15.03
N ILE A 221 -5.22 -5.85 -14.82
CA ILE A 221 -5.89 -5.54 -13.55
C ILE A 221 -6.24 -6.84 -12.86
N THR A 222 -5.87 -6.96 -11.59
CA THR A 222 -6.20 -8.15 -10.82
C THR A 222 -7.70 -8.21 -10.54
N ILE A 223 -8.17 -9.41 -10.19
CA ILE A 223 -9.60 -9.62 -10.02
C ILE A 223 -10.12 -8.86 -8.81
N GLN A 224 -9.29 -8.66 -7.79
CA GLN A 224 -9.72 -7.85 -6.64
C GLN A 224 -9.86 -6.39 -7.04
N ALA A 225 -8.90 -5.86 -7.79
CA ALA A 225 -8.99 -4.47 -8.23
C ALA A 225 -10.14 -4.27 -9.21
N ILE A 226 -10.44 -5.28 -10.02
CA ILE A 226 -11.61 -5.22 -10.88
C ILE A 226 -12.88 -5.21 -10.04
N SER A 227 -12.94 -6.09 -9.03
CA SER A 227 -14.10 -6.18 -8.16
C SER A 227 -14.29 -4.95 -7.29
N SER A 228 -13.25 -4.12 -7.15
CA SER A 228 -13.40 -2.89 -6.39
C SER A 228 -14.46 -1.96 -6.95
N VAL A 229 -14.81 -2.10 -8.24
CA VAL A 229 -15.95 -1.37 -8.80
C VAL A 229 -17.27 -2.09 -8.54
N PHE A 230 -17.22 -3.30 -7.96
CA PHE A 230 -18.42 -4.09 -7.69
C PHE A 230 -18.43 -4.43 -6.21
N ASN A 231 -18.18 -3.42 -5.38
CA ASN A 231 -18.20 -3.49 -3.92
C ASN A 231 -17.19 -4.48 -3.35
N ARG A 232 -16.06 -4.69 -4.04
CA ARG A 232 -15.01 -5.64 -3.65
C ARG A 232 -15.54 -7.06 -3.50
N ASN A 233 -16.51 -7.44 -4.32
CA ASN A 233 -17.13 -8.76 -4.25
C ASN A 233 -16.55 -9.70 -5.30
N PHE A 234 -15.27 -10.08 -5.16
CA PHE A 234 -14.65 -10.89 -6.21
C PHE A 234 -15.15 -12.32 -6.18
N ASP A 235 -15.71 -12.78 -5.05
CA ASP A 235 -16.25 -14.13 -5.00
C ASP A 235 -17.46 -14.27 -5.90
N GLU A 236 -18.28 -13.22 -5.99
CA GLU A 236 -19.39 -13.22 -6.95
C GLU A 236 -18.90 -13.24 -8.39
N LEU A 237 -17.82 -12.52 -8.68
CA LEU A 237 -17.26 -12.52 -10.03
C LEU A 237 -16.73 -13.90 -10.39
N LEU A 238 -16.06 -14.56 -9.45
CA LEU A 238 -15.56 -15.90 -9.73
C LEU A 238 -16.68 -16.92 -9.83
N LYS A 239 -17.74 -16.75 -9.03
CA LYS A 239 -18.82 -17.74 -8.99
C LYS A 239 -19.61 -17.74 -10.29
N ILE A 240 -19.93 -16.55 -10.82
CA ILE A 240 -20.71 -16.48 -12.05
C ILE A 240 -19.89 -17.03 -13.22
N MET A 241 -18.57 -16.91 -13.15
CA MET A 241 -17.70 -17.41 -14.21
C MET A 241 -17.27 -18.85 -14.00
N GLY A 242 -17.78 -19.51 -12.96
CA GLY A 242 -17.66 -20.95 -12.84
C GLY A 242 -16.68 -21.47 -11.80
N TYR A 243 -15.98 -20.60 -11.07
CA TYR A 243 -14.97 -21.02 -10.12
C TYR A 243 -15.37 -20.63 -8.70
N THR A 244 -15.30 -21.58 -7.79
CA THR A 244 -15.52 -21.30 -6.37
C THR A 244 -14.25 -20.66 -5.80
N SER A 245 -14.42 -19.59 -5.03
CA SER A 245 -13.26 -18.85 -4.52
C SER A 245 -12.45 -19.66 -3.52
N GLY A 246 -13.07 -20.55 -2.75
CA GLY A 246 -12.32 -21.32 -1.77
C GLY A 246 -11.44 -22.39 -2.38
N ASP A 247 -11.75 -22.84 -3.60
CA ASP A 247 -10.95 -23.87 -4.25
C ASP A 247 -9.84 -23.26 -5.10
N LEU A 248 -9.97 -21.98 -5.46
CA LEU A 248 -9.04 -21.31 -6.34
C LEU A 248 -8.05 -20.43 -5.59
N TYR A 249 -7.76 -20.74 -4.32
CA TYR A 249 -7.06 -19.77 -3.49
C TYR A 249 -5.57 -19.71 -3.84
N GLU A 250 -4.98 -20.81 -4.33
CA GLU A 250 -3.57 -20.77 -4.66
C GLU A 250 -3.28 -19.83 -5.83
N ILE A 251 -4.27 -19.62 -6.70
CA ILE A 251 -4.12 -18.65 -7.77
C ILE A 251 -4.58 -17.27 -7.32
N LEU A 252 -5.69 -17.23 -6.59
CA LEU A 252 -6.29 -15.94 -6.20
C LEU A 252 -5.42 -15.16 -5.24
N HIS A 253 -4.77 -15.85 -4.29
CA HIS A 253 -4.00 -15.18 -3.25
C HIS A 253 -2.79 -14.45 -3.82
N SER A 254 -2.11 -15.07 -4.79
CA SER A 254 -0.89 -14.48 -5.34
C SER A 254 -1.17 -13.40 -6.36
N GLY A 255 -2.43 -13.12 -6.67
CA GLY A 255 -2.75 -12.11 -7.65
C GLY A 255 -2.49 -12.53 -9.09
N LEU A 256 -2.66 -13.80 -9.41
CA LEU A 256 -2.45 -14.28 -10.77
C LEU A 256 -3.72 -14.26 -11.61
N ILE A 257 -4.86 -13.92 -11.02
CA ILE A 257 -6.10 -13.80 -11.78
C ILE A 257 -6.20 -12.37 -12.31
N ARG A 258 -5.62 -12.13 -13.47
CA ARG A 258 -5.55 -10.78 -14.02
C ARG A 258 -6.71 -10.53 -14.98
N GLY A 259 -6.76 -9.30 -15.50
CA GLY A 259 -7.74 -8.93 -16.50
C GLY A 259 -7.16 -7.93 -17.46
N ASN A 260 -7.54 -8.06 -18.73
CA ASN A 260 -7.01 -7.23 -19.79
C ASN A 260 -8.15 -6.69 -20.65
N ILE A 261 -8.02 -5.42 -21.05
CA ILE A 261 -9.02 -4.80 -21.91
C ILE A 261 -9.02 -5.48 -23.27
N ILE A 262 -10.21 -5.80 -23.78
CA ILE A 262 -10.32 -6.55 -25.03
C ILE A 262 -11.09 -5.74 -26.06
N ASP A 263 -11.97 -4.85 -25.60
CA ASP A 263 -12.85 -4.09 -26.49
C ASP A 263 -13.57 -3.03 -25.68
N VAL A 264 -13.74 -1.86 -26.30
CA VAL A 264 -14.49 -0.75 -25.70
C VAL A 264 -15.46 -0.22 -26.74
N ASP A 265 -16.71 -0.05 -26.34
CA ASP A 265 -17.73 0.54 -27.20
C ASP A 265 -18.15 1.87 -26.60
N VAL A 266 -17.85 2.96 -27.30
CA VAL A 266 -18.07 4.30 -26.74
C VAL A 266 -19.54 4.69 -26.70
N GLU A 267 -20.38 4.09 -27.54
CA GLU A 267 -21.80 4.43 -27.56
C GLU A 267 -22.64 3.54 -26.65
N ALA A 268 -22.38 2.22 -26.67
CA ALA A 268 -23.05 1.33 -25.72
C ALA A 268 -22.49 1.47 -24.31
N GLY A 269 -21.29 2.03 -24.18
CA GLY A 269 -20.72 2.32 -22.87
C GLY A 269 -20.36 1.11 -22.04
N TYR A 270 -19.36 0.34 -22.48
CA TYR A 270 -18.84 -0.76 -21.68
C TYR A 270 -17.39 -1.00 -22.06
N ILE A 271 -16.66 -1.62 -21.13
CA ILE A 271 -15.32 -2.13 -21.40
C ILE A 271 -15.35 -3.63 -21.16
N ALA A 272 -14.85 -4.39 -22.13
CA ALA A 272 -14.88 -5.84 -22.03
C ALA A 272 -13.50 -6.37 -21.65
N LEU A 273 -13.47 -7.24 -20.65
CA LEU A 273 -12.22 -7.75 -20.09
C LEU A 273 -12.14 -9.25 -20.29
N GLU A 274 -10.92 -9.74 -20.50
CA GLU A 274 -10.64 -11.17 -20.58
C GLU A 274 -9.80 -11.54 -19.37
N ILE A 275 -10.31 -12.49 -18.58
CA ILE A 275 -9.72 -12.85 -17.29
C ILE A 275 -8.94 -14.14 -17.46
N GLU A 276 -7.67 -14.13 -17.07
CA GLU A 276 -6.85 -15.32 -17.11
C GLU A 276 -7.04 -16.15 -15.84
N PHE A 277 -7.06 -17.47 -16.00
CA PHE A 277 -7.07 -18.42 -14.89
C PHE A 277 -5.92 -19.38 -15.11
N PRO A 278 -4.69 -18.95 -14.82
CA PRO A 278 -3.52 -19.75 -15.21
C PRO A 278 -3.39 -21.01 -14.38
N ASN A 279 -2.78 -22.01 -15.00
CA ASN A 279 -2.36 -23.20 -14.29
C ASN A 279 -0.97 -23.00 -13.69
N LEU A 280 -0.74 -23.62 -12.55
CA LEU A 280 0.54 -23.53 -11.86
C LEU A 280 1.35 -24.78 -12.15
N THR A 281 2.55 -24.60 -12.69
CA THR A 281 3.43 -25.71 -13.05
C THR A 281 4.52 -25.87 -11.99
N LEU A 282 4.80 -27.13 -11.64
CA LEU A 282 5.88 -27.41 -10.70
C LEU A 282 7.22 -27.38 -11.43
N VAL A 283 8.11 -26.51 -10.99
CA VAL A 283 9.42 -26.42 -11.63
C VAL A 283 10.19 -27.72 -11.38
N PRO A 284 10.74 -28.35 -12.40
CA PRO A 284 11.36 -29.67 -12.20
C PRO A 284 12.60 -29.59 -11.32
N ASN A 285 12.58 -30.38 -10.24
CA ASN A 285 13.72 -30.54 -9.33
C ASN A 285 14.23 -29.21 -8.79
N ALA A 286 13.32 -28.33 -8.39
CA ALA A 286 13.68 -27.06 -7.79
C ALA A 286 12.89 -26.86 -6.50
N VAL A 287 13.61 -26.53 -5.42
CA VAL A 287 13.01 -26.28 -4.13
C VAL A 287 13.47 -24.92 -3.62
N VAL A 288 12.71 -24.35 -2.69
CA VAL A 288 13.03 -23.09 -2.05
C VAL A 288 13.27 -23.35 -0.58
N GLN A 289 14.45 -23.00 -0.09
CA GLN A 289 14.86 -23.29 1.27
C GLN A 289 14.84 -22.01 2.10
N GLU A 290 14.23 -22.08 3.28
CA GLU A 290 14.18 -20.93 4.17
C GLU A 290 15.30 -21.03 5.21
N LEU A 291 15.98 -19.90 5.41
CA LEU A 291 17.06 -19.81 6.39
C LEU A 291 16.63 -18.84 7.49
N MET A 292 16.75 -19.28 8.74
CA MET A 292 16.38 -18.45 9.88
C MET A 292 17.62 -18.08 10.67
N PRO A 293 17.86 -16.80 10.92
CA PRO A 293 19.08 -16.37 11.61
C PRO A 293 18.98 -16.51 13.13
N ILE A 294 20.14 -16.79 13.72
CA ILE A 294 20.27 -16.96 15.17
C ILE A 294 21.50 -16.20 15.63
N SER A 295 21.35 -15.43 16.70
CA SER A 295 22.48 -14.70 17.26
C SER A 295 23.52 -15.67 17.81
N TYR A 296 24.79 -15.37 17.54
CA TYR A 296 25.89 -16.18 18.02
C TYR A 296 26.91 -15.28 18.69
N ASN A 297 27.62 -15.83 19.67
CA ASN A 297 28.48 -15.00 20.50
C ASN A 297 29.93 -15.29 20.16
N VAL A 298 30.71 -14.22 20.02
CA VAL A 298 32.17 -14.31 19.99
C VAL A 298 32.73 -13.34 21.04
N ASP A 299 33.39 -13.89 22.07
CA ASP A 299 33.98 -13.11 23.16
C ASP A 299 32.96 -12.20 23.83
N GLY A 300 31.74 -12.71 24.02
CA GLY A 300 30.73 -12.04 24.79
C GLY A 300 29.75 -11.18 24.01
N ASP A 301 30.02 -10.89 22.74
CA ASP A 301 29.19 -9.97 22.00
C ASP A 301 28.20 -10.71 21.10
N GLU A 302 27.02 -10.11 20.92
CA GLU A 302 25.99 -10.71 20.08
C GLU A 302 26.20 -10.32 18.62
N TRP A 303 26.13 -11.29 17.72
CA TRP A 303 26.27 -11.06 16.29
C TRP A 303 25.22 -11.83 15.51
N VAL A 304 24.77 -11.26 14.40
CA VAL A 304 23.78 -11.87 13.53
C VAL A 304 24.36 -11.95 12.12
N THR A 305 24.27 -13.14 11.52
CA THR A 305 24.75 -13.37 10.16
C THR A 305 23.66 -13.00 9.17
N LEU A 306 24.01 -12.20 8.16
CA LEU A 306 23.04 -11.69 7.20
C LEU A 306 23.02 -12.58 5.96
N VAL A 307 21.87 -13.16 5.67
CA VAL A 307 21.66 -13.95 4.46
C VAL A 307 20.24 -13.70 3.97
N PRO A 308 19.99 -13.97 2.69
CA PRO A 308 18.59 -13.98 2.22
C PRO A 308 17.78 -15.01 2.99
N ARG A 309 16.54 -14.65 3.31
CA ARG A 309 15.71 -15.55 4.10
C ARG A 309 15.18 -16.71 3.26
N PHE A 310 15.20 -16.57 1.93
CA PHE A 310 14.79 -17.64 1.03
C PHE A 310 15.89 -17.86 0.00
N VAL A 311 16.36 -19.10 -0.12
CA VAL A 311 17.41 -19.46 -1.06
C VAL A 311 16.88 -20.57 -1.95
N LEU A 312 16.97 -20.36 -3.26
CA LEU A 312 16.46 -21.29 -4.25
C LEU A 312 17.55 -22.28 -4.64
N THR A 313 17.20 -23.56 -4.67
CA THR A 313 18.13 -24.62 -5.00
C THR A 313 17.65 -25.36 -6.23
N ARG A 314 18.40 -25.26 -7.32
CA ARG A 314 18.13 -26.00 -8.54
C ARG A 314 18.91 -27.32 -8.50
N THR A 315 18.99 -27.99 -9.66
CA THR A 315 19.69 -29.27 -9.73
C THR A 315 21.17 -29.11 -9.39
N THR A 316 21.85 -28.18 -10.07
CA THR A 316 23.27 -27.95 -9.86
C THR A 316 23.60 -26.48 -9.63
N LEU A 317 22.62 -25.65 -9.29
CA LEU A 317 22.84 -24.22 -9.15
C LEU A 317 22.16 -23.72 -7.88
N LEU A 318 22.71 -22.63 -7.35
CA LEU A 318 22.15 -21.93 -6.20
C LEU A 318 21.96 -20.47 -6.56
N SER A 319 20.76 -19.94 -6.30
CA SER A 319 20.45 -18.58 -6.70
C SER A 319 19.45 -17.97 -5.74
N ASN A 320 19.40 -16.64 -5.72
CA ASN A 320 18.44 -15.92 -4.90
C ASN A 320 17.04 -16.07 -5.48
N ILE A 321 16.07 -15.57 -4.73
CA ILE A 321 14.70 -15.46 -5.22
C ILE A 321 14.03 -14.28 -4.51
N ASP A 322 13.45 -13.38 -5.30
CA ASP A 322 12.79 -12.19 -4.76
C ASP A 322 11.43 -12.62 -4.21
N THR A 323 11.42 -12.97 -2.92
CA THR A 323 10.18 -13.41 -2.28
C THR A 323 9.18 -12.28 -2.09
N SER A 324 9.61 -11.01 -2.23
CA SER A 324 8.67 -9.90 -2.15
C SER A 324 7.70 -9.92 -3.33
N ARG A 325 8.21 -10.17 -4.54
CA ARG A 325 7.34 -10.24 -5.71
C ARG A 325 6.52 -11.52 -5.72
N CYS A 326 7.07 -12.60 -5.17
CA CYS A 326 6.37 -13.87 -5.13
C CYS A 326 5.40 -13.91 -3.95
N THR A 327 4.77 -15.06 -3.79
CA THR A 327 3.85 -15.31 -2.67
C THR A 327 4.25 -16.61 -2.00
N VAL A 328 4.38 -16.57 -0.68
CA VAL A 328 4.77 -17.74 0.11
C VAL A 328 3.51 -18.34 0.73
N THR A 329 3.18 -19.56 0.33
CA THR A 329 2.05 -20.29 0.86
C THR A 329 2.53 -21.18 2.00
N GLU A 330 1.65 -22.07 2.47
CA GLU A 330 2.01 -22.97 3.55
C GLU A 330 3.03 -24.02 3.12
N SER A 331 3.09 -24.35 1.83
CA SER A 331 4.03 -25.38 1.38
C SER A 331 4.72 -25.05 0.06
N SER A 332 4.43 -23.92 -0.58
CA SER A 332 5.00 -23.66 -1.89
C SER A 332 5.15 -22.16 -2.11
N VAL A 333 6.03 -21.80 -3.05
CA VAL A 333 6.24 -20.41 -3.46
C VAL A 333 5.69 -20.24 -4.86
N ILE A 334 4.85 -19.23 -5.06
CA ILE A 334 4.14 -19.02 -6.31
C ILE A 334 4.57 -17.68 -6.89
N CYS A 335 5.02 -17.69 -8.15
CA CYS A 335 5.43 -16.48 -8.84
C CYS A 335 4.95 -16.53 -10.28
N ASP A 336 4.70 -15.34 -10.85
CA ASP A 336 4.35 -15.26 -12.26
C ASP A 336 5.54 -15.45 -13.19
N ASN A 337 6.73 -15.07 -12.74
CA ASN A 337 7.96 -15.31 -13.47
C ASN A 337 8.97 -15.89 -12.51
N ASP A 338 9.98 -16.57 -13.06
CA ASP A 338 10.86 -17.37 -12.21
C ASP A 338 11.68 -16.52 -11.25
N TYR A 339 12.08 -15.31 -11.66
CA TYR A 339 12.75 -14.34 -10.80
C TYR A 339 14.00 -14.90 -10.11
N ALA A 340 14.75 -15.77 -10.79
CA ALA A 340 15.92 -16.41 -10.19
C ALA A 340 17.13 -15.49 -10.36
N LEU A 341 17.25 -14.51 -9.47
CA LEU A 341 18.38 -13.61 -9.49
C LEU A 341 19.64 -14.36 -9.06
N PRO A 342 20.81 -13.98 -9.60
CA PRO A 342 22.05 -14.67 -9.23
C PRO A 342 22.51 -14.25 -7.84
N MET A 343 23.57 -14.91 -7.39
CA MET A 343 24.09 -14.75 -6.05
C MET A 343 25.54 -14.27 -6.11
N SER A 344 25.91 -13.42 -5.15
CA SER A 344 27.28 -12.92 -5.11
C SER A 344 28.25 -14.06 -4.80
N TYR A 345 29.49 -13.93 -5.29
CA TYR A 345 30.49 -14.96 -5.06
C TYR A 345 30.81 -15.11 -3.57
N GLU A 346 30.85 -14.00 -2.84
CA GLU A 346 31.11 -14.07 -1.41
C GLU A 346 30.00 -14.82 -0.68
N LEU A 347 28.74 -14.55 -1.04
CA LEU A 347 27.63 -15.22 -0.38
C LEU A 347 27.56 -16.69 -0.77
N ILE A 348 27.89 -17.01 -2.03
CA ILE A 348 27.96 -18.40 -2.45
C ILE A 348 29.03 -19.14 -1.65
N GLY A 349 30.21 -18.53 -1.49
CA GLY A 349 31.24 -19.14 -0.68
C GLY A 349 30.82 -19.29 0.77
N CYS A 350 30.08 -18.32 1.29
CA CYS A 350 29.58 -18.38 2.65
C CYS A 350 28.64 -19.57 2.86
N LEU A 351 27.73 -19.77 1.90
CA LEU A 351 26.77 -20.87 2.05
C LEU A 351 27.39 -22.23 1.73
N GLN A 352 28.43 -22.27 0.90
CA GLN A 352 29.02 -23.55 0.52
C GLN A 352 30.06 -24.06 1.49
N GLY A 353 30.44 -23.26 2.50
CA GLY A 353 31.38 -23.75 3.50
C GLY A 353 32.42 -22.74 3.95
N ASP A 354 32.72 -21.76 3.10
CA ASP A 354 33.68 -20.72 3.46
C ASP A 354 33.01 -19.65 4.30
N THR A 355 32.79 -19.95 5.59
CA THR A 355 32.00 -19.07 6.43
C THR A 355 32.72 -17.79 6.82
N SER A 356 34.02 -17.68 6.51
CA SER A 356 34.75 -16.47 6.85
C SER A 356 34.27 -15.26 6.06
N LYS A 357 33.60 -15.49 4.93
CA LYS A 357 33.16 -14.42 4.05
C LYS A 357 31.71 -14.02 4.27
N CYS A 358 31.04 -14.57 5.29
CA CYS A 358 29.65 -14.23 5.53
C CYS A 358 29.50 -12.82 6.06
N ALA A 359 28.39 -12.18 5.71
CA ALA A 359 28.08 -10.86 6.26
C ALA A 359 27.68 -10.99 7.72
N ARG A 360 28.24 -10.15 8.57
CA ARG A 360 28.13 -10.32 10.01
C ARG A 360 28.04 -8.97 10.68
N GLU A 361 27.11 -8.87 11.64
CA GLU A 361 26.65 -7.59 12.16
C GLU A 361 26.44 -7.67 13.66
N LYS A 362 26.92 -6.66 14.38
CA LYS A 362 26.77 -6.60 15.83
C LYS A 362 25.33 -6.29 16.20
N VAL A 363 24.88 -6.86 17.31
CA VAL A 363 23.53 -6.61 17.82
C VAL A 363 23.60 -5.51 18.87
N VAL A 364 22.81 -4.46 18.66
CA VAL A 364 22.70 -3.37 19.62
C VAL A 364 21.24 -3.20 20.00
N SER A 365 20.47 -4.29 19.90
CA SER A 365 19.05 -4.28 20.18
C SER A 365 18.69 -5.42 21.13
N SER A 366 17.61 -5.23 21.87
CA SER A 366 17.17 -6.28 22.78
C SER A 366 16.38 -7.38 22.08
N TYR A 367 15.88 -7.12 20.88
CA TYR A 367 15.04 -8.07 20.15
C TYR A 367 15.86 -8.69 19.02
N VAL A 368 16.31 -9.93 19.24
CA VAL A 368 16.93 -10.79 18.24
C VAL A 368 16.49 -12.21 18.57
N PRO A 369 16.16 -13.05 17.59
CA PRO A 369 15.87 -14.46 17.90
C PRO A 369 17.11 -15.14 18.47
N ARG A 370 16.97 -15.65 19.70
CA ARG A 370 18.06 -16.31 20.40
C ARG A 370 18.06 -17.82 20.24
N PHE A 371 16.95 -18.42 19.78
CA PHE A 371 16.89 -19.86 19.63
C PHE A 371 15.98 -20.22 18.47
N ALA A 372 16.20 -21.41 17.92
CA ALA A 372 15.39 -21.91 16.82
C ALA A 372 15.34 -23.43 16.92
N LEU A 373 14.27 -24.00 16.38
CA LEU A 373 14.03 -25.44 16.44
C LEU A 373 14.06 -26.00 15.02
N SER A 374 14.88 -27.03 14.82
CA SER A 374 15.01 -27.66 13.51
C SER A 374 15.26 -29.15 13.68
N ASP A 375 14.59 -29.94 12.82
CA ASP A 375 14.62 -31.41 12.82
C ASP A 375 14.61 -32.00 14.22
N GLY A 376 13.77 -31.44 15.11
CA GLY A 376 13.66 -31.91 16.47
C GLY A 376 14.69 -31.36 17.42
N LEU A 377 15.75 -30.73 16.92
CA LEU A 377 16.77 -30.16 17.79
C LEU A 377 16.59 -28.65 17.89
N VAL A 378 16.96 -28.10 19.04
CA VAL A 378 16.90 -26.66 19.29
C VAL A 378 18.32 -26.13 19.43
N TYR A 379 18.61 -25.06 18.71
CA TYR A 379 19.91 -24.39 18.76
C TYR A 379 19.73 -23.05 19.44
N ALA A 380 20.52 -22.78 20.48
CA ALA A 380 20.29 -21.59 21.28
C ALA A 380 21.62 -20.95 21.68
N ASN A 381 21.54 -19.66 22.02
CA ASN A 381 22.68 -18.90 22.51
C ASN A 381 22.60 -18.80 24.04
N CYS A 382 23.20 -19.79 24.71
CA CYS A 382 22.99 -19.99 26.13
C CYS A 382 23.75 -19.02 27.03
N LEU A 383 24.64 -18.19 26.49
CA LEU A 383 25.26 -17.15 27.31
C LEU A 383 24.57 -15.80 27.15
N ASN A 384 23.80 -15.62 26.08
CA ASN A 384 23.04 -14.39 25.88
C ASN A 384 21.55 -14.60 26.12
N THR A 385 21.16 -15.80 26.51
CA THR A 385 19.83 -16.09 27.04
C THR A 385 19.95 -17.31 27.94
N ILE A 386 19.01 -17.45 28.88
CA ILE A 386 19.14 -18.52 29.88
C ILE A 386 18.79 -19.86 29.26
N CYS A 387 19.50 -20.91 29.68
CA CYS A 387 19.26 -22.28 29.27
C CYS A 387 19.20 -23.16 30.50
N ARG A 388 18.21 -24.03 30.63
CA ARG A 388 18.26 -24.92 31.83
C ARG A 388 17.72 -26.31 31.49
N CYS A 389 17.91 -27.27 32.37
CA CYS A 389 17.43 -28.65 32.14
C CYS A 389 16.31 -28.97 33.11
N MET A 390 15.06 -28.66 32.74
CA MET A 390 13.90 -29.01 33.59
C MET A 390 13.91 -30.52 33.81
N ASP A 391 14.65 -31.25 32.97
CA ASP A 391 14.75 -32.72 33.08
C ASP A 391 15.44 -33.10 34.41
N THR A 392 16.53 -32.40 34.75
CA THR A 392 17.30 -32.73 35.97
C THR A 392 17.46 -31.48 36.84
N ASP A 393 16.71 -30.41 36.54
CA ASP A 393 16.77 -29.15 37.34
C ASP A 393 18.22 -28.65 37.43
N THR A 394 18.93 -28.58 36.30
CA THR A 394 20.31 -28.06 36.28
C THR A 394 20.47 -27.04 35.15
N PRO A 395 21.21 -25.92 35.34
CA PRO A 395 21.45 -24.96 34.25
C PRO A 395 22.27 -25.58 33.11
N ILE A 396 22.45 -24.83 32.01
CA ILE A 396 23.19 -25.36 30.83
C ILE A 396 24.25 -24.34 30.45
N SER A 397 25.50 -24.63 30.81
CA SER A 397 26.59 -23.74 30.41
C SER A 397 27.21 -24.22 29.11
N GLN A 398 27.43 -23.28 28.19
CA GLN A 398 28.20 -23.53 26.98
C GLN A 398 29.51 -22.76 27.09
N SER A 399 30.52 -23.20 26.34
CA SER A 399 31.82 -22.56 26.41
C SER A 399 31.80 -21.22 25.70
N LEU A 400 32.65 -20.30 26.16
CA LEU A 400 32.87 -19.05 25.44
C LEU A 400 33.60 -19.26 24.13
N GLY A 401 34.26 -20.41 23.96
CA GLY A 401 34.96 -20.72 22.74
C GLY A 401 34.09 -21.29 21.62
N THR A 402 32.79 -21.41 21.85
CA THR A 402 31.86 -21.88 20.84
C THR A 402 30.75 -20.85 20.66
N THR A 403 30.11 -20.87 19.49
CA THR A 403 29.13 -19.85 19.16
C THR A 403 27.72 -20.27 19.58
N VAL A 404 27.23 -21.36 19.01
CA VAL A 404 25.87 -21.83 19.29
C VAL A 404 25.97 -23.24 19.84
N SER A 405 25.17 -23.52 20.87
CA SER A 405 25.17 -24.79 21.57
C SER A 405 24.05 -25.68 21.03
N LEU A 406 24.33 -26.98 20.96
CA LEU A 406 23.37 -27.97 20.51
C LEU A 406 22.70 -28.61 21.71
N LEU A 407 21.37 -28.67 21.70
CA LEU A 407 20.59 -29.26 22.77
C LEU A 407 19.88 -30.50 22.23
N ASP A 408 20.07 -31.63 22.91
CA ASP A 408 19.48 -32.88 22.44
C ASP A 408 19.36 -33.83 23.62
N ASN A 409 18.76 -35.01 23.35
CA ASN A 409 18.45 -35.97 24.39
C ASN A 409 19.66 -36.71 24.92
N LYS A 410 20.88 -36.37 24.50
CA LYS A 410 22.06 -37.02 25.04
C LYS A 410 22.26 -36.68 26.51
N LYS A 411 21.86 -35.48 26.92
CA LYS A 411 22.07 -35.02 28.29
C LYS A 411 20.76 -34.81 29.04
N CYS A 412 19.85 -34.00 28.50
CA CYS A 412 18.57 -33.73 29.14
C CYS A 412 17.45 -33.96 28.14
N LEU A 413 16.27 -34.29 28.65
CA LEU A 413 15.12 -34.57 27.80
C LEU A 413 14.23 -33.35 27.62
N VAL A 414 14.12 -32.50 28.64
CA VAL A 414 13.32 -31.27 28.55
C VAL A 414 14.25 -30.10 28.86
N TYR A 415 14.23 -29.10 27.98
CA TYR A 415 15.06 -27.91 28.12
C TYR A 415 14.19 -26.68 28.24
N GLN A 416 14.69 -25.70 29.00
CA GLN A 416 14.08 -24.38 29.08
C GLN A 416 15.05 -23.35 28.53
N VAL A 417 14.65 -22.67 27.46
CA VAL A 417 15.45 -21.63 26.83
C VAL A 417 14.69 -20.32 26.93
N GLY A 418 15.28 -19.33 27.58
CA GLY A 418 14.59 -18.08 27.82
C GLY A 418 13.37 -18.30 28.70
N ASP A 419 12.23 -17.74 28.25
CA ASP A 419 10.99 -17.91 28.99
C ASP A 419 10.44 -19.31 28.79
N ILE A 420 10.51 -19.82 27.57
CA ILE A 420 9.74 -20.99 27.15
C ILE A 420 10.57 -22.26 27.28
N LEU A 421 9.90 -23.34 27.68
CA LEU A 421 10.54 -24.65 27.84
C LEU A 421 9.93 -25.64 26.85
N ILE A 422 10.82 -26.39 26.17
CA ILE A 422 10.39 -27.33 25.10
C ILE A 422 11.09 -28.67 25.29
N SER A 423 10.47 -29.76 24.85
CA SER A 423 11.14 -31.08 24.86
C SER A 423 12.02 -31.13 23.63
N VAL A 424 12.87 -32.14 23.50
CA VAL A 424 13.82 -32.13 22.35
C VAL A 424 14.06 -33.56 21.87
N GLY A 425 14.21 -33.76 20.57
CA GLY A 425 14.57 -35.05 20.02
C GLY A 425 16.03 -35.40 20.28
N SER A 426 16.57 -36.24 19.40
CA SER A 426 17.93 -36.77 19.54
C SER A 426 18.78 -36.34 18.35
N TYR A 427 20.08 -36.12 18.61
CA TYR A 427 21.01 -35.77 17.55
C TYR A 427 21.23 -36.94 16.60
N LEU A 428 21.16 -38.18 17.11
CA LEU A 428 21.48 -39.35 16.30
C LEU A 428 20.52 -39.53 15.13
N GLY A 429 19.34 -38.92 15.17
CA GLY A 429 18.42 -38.97 14.05
C GLY A 429 18.81 -38.06 12.92
N SER B 22 22.65 12.79 -26.32
CA SER B 22 23.44 12.64 -25.11
C SER B 22 23.96 11.21 -24.97
N LEU B 23 23.04 10.26 -24.88
CA LEU B 23 23.42 8.86 -24.76
C LEU B 23 24.04 8.36 -26.05
N HIS B 24 25.03 7.46 -25.91
CA HIS B 24 25.65 6.82 -27.06
C HIS B 24 24.91 5.52 -27.35
N TYR B 25 23.89 5.63 -28.22
CA TYR B 25 22.95 4.54 -28.41
C TYR B 25 23.58 3.34 -29.10
N ASP B 26 24.59 3.56 -29.94
CA ASP B 26 25.21 2.45 -30.66
C ASP B 26 25.96 1.52 -29.70
N SER B 27 26.78 2.09 -28.82
CA SER B 27 27.51 1.28 -27.85
C SER B 27 26.56 0.60 -26.87
N LEU B 28 25.51 1.31 -26.45
CA LEU B 28 24.52 0.71 -25.56
C LEU B 28 23.79 -0.46 -26.22
N SER B 29 23.47 -0.32 -27.52
CA SER B 29 22.89 -1.44 -28.25
C SER B 29 23.86 -2.60 -28.34
N LYS B 30 25.14 -2.30 -28.59
CA LYS B 30 26.17 -3.35 -28.59
C LYS B 30 26.34 -3.99 -27.22
N VAL B 31 25.90 -3.33 -26.15
CA VAL B 31 25.99 -3.87 -24.80
C VAL B 31 24.61 -4.42 -24.42
N GLY B 32 23.59 -4.03 -25.18
CA GLY B 32 22.26 -4.57 -24.95
C GLY B 32 21.32 -3.61 -24.25
N ILE B 33 21.36 -2.33 -24.62
CA ILE B 33 20.51 -1.30 -24.06
C ILE B 33 19.82 -0.59 -25.22
N ILE B 34 18.51 -0.49 -25.16
CA ILE B 34 17.70 -0.11 -26.30
C ILE B 34 16.95 1.18 -26.00
N LYS B 35 17.04 2.15 -26.91
CA LYS B 35 16.35 3.43 -26.78
C LYS B 35 14.84 3.20 -26.72
N GLY B 36 14.18 3.91 -25.81
CA GLY B 36 12.75 3.77 -25.59
C GLY B 36 11.98 5.04 -25.85
N LEU B 37 10.79 5.10 -25.24
CA LEU B 37 9.93 6.26 -25.39
C LEU B 37 10.56 7.48 -24.73
N THR B 38 10.36 8.63 -25.36
CA THR B 38 10.82 9.91 -24.83
C THR B 38 9.63 10.66 -24.27
N TYR B 39 9.72 11.08 -23.01
CA TYR B 39 8.62 11.71 -22.30
C TYR B 39 8.96 13.17 -22.00
N ASN B 40 7.92 14.00 -21.92
CA ASN B 40 8.08 15.33 -21.38
C ASN B 40 8.24 15.25 -19.86
N TYR B 41 8.64 16.36 -19.26
CA TYR B 41 8.92 16.40 -17.83
C TYR B 41 8.27 17.64 -17.23
N LYS B 42 7.38 17.43 -16.25
CA LYS B 42 6.54 18.49 -15.71
C LYS B 42 6.72 18.60 -14.21
N ILE B 43 6.62 19.83 -13.70
CA ILE B 43 6.77 20.13 -12.28
C ILE B 43 5.59 20.97 -11.83
N LYS B 44 5.11 20.70 -10.61
CA LYS B 44 4.08 21.51 -9.98
C LYS B 44 4.52 22.96 -9.86
N GLY B 45 3.58 23.88 -10.10
CA GLY B 45 3.88 25.29 -9.95
C GLY B 45 2.66 26.15 -10.05
N SER B 46 2.66 27.23 -9.27
CA SER B 46 1.62 28.26 -9.23
C SER B 46 0.23 27.65 -9.00
N PRO B 47 -0.06 27.18 -7.80
CA PRO B 47 -1.32 26.48 -7.56
C PRO B 47 -2.49 27.44 -7.35
N SER B 48 -3.64 27.09 -7.91
CA SER B 48 -4.89 27.75 -7.57
C SER B 48 -5.59 26.99 -6.46
N THR B 49 -6.28 27.72 -5.59
CA THR B 49 -6.83 27.14 -4.38
C THR B 49 -8.34 27.35 -4.32
N LYS B 50 -9.03 26.35 -3.79
CA LYS B 50 -10.46 26.43 -3.53
C LYS B 50 -10.76 25.82 -2.16
N LEU B 51 -11.87 26.25 -1.57
CA LEU B 51 -12.19 25.93 -0.18
C LEU B 51 -13.24 24.83 -0.11
N MET B 52 -13.14 24.01 0.93
CA MET B 52 -14.19 23.06 1.28
C MET B 52 -14.27 22.97 2.79
N VAL B 53 -15.44 22.55 3.29
CA VAL B 53 -15.69 22.42 4.71
C VAL B 53 -16.22 21.01 4.96
N VAL B 54 -15.42 20.18 5.64
CA VAL B 54 -15.86 18.85 6.04
C VAL B 54 -16.51 18.99 7.42
N LYS B 55 -17.84 18.88 7.45
CA LYS B 55 -18.58 19.10 8.69
C LYS B 55 -18.59 17.80 9.49
N LEU B 56 -17.95 17.80 10.65
CA LEU B 56 -17.84 16.62 11.50
C LEU B 56 -19.14 16.34 12.26
N ILE B 57 -19.83 17.38 12.70
CA ILE B 57 -21.09 17.23 13.43
C ILE B 57 -22.22 17.48 12.43
N PRO B 58 -22.98 16.46 12.04
CA PRO B 58 -23.97 16.64 10.98
C PRO B 58 -25.25 17.26 11.48
N ASN B 59 -26.10 17.65 10.53
CA ASN B 59 -27.45 18.10 10.84
C ASN B 59 -28.41 16.93 10.69
N ILE B 60 -29.06 16.55 11.79
CA ILE B 60 -29.88 15.34 11.82
C ILE B 60 -31.29 15.64 12.29
N ASP B 61 -31.79 16.84 11.99
CA ASP B 61 -33.04 17.34 12.56
C ASP B 61 -34.24 16.45 12.29
N GLY B 62 -34.21 15.61 11.25
CA GLY B 62 -35.32 14.72 10.99
C GLY B 62 -35.42 13.57 11.97
N VAL B 63 -34.31 13.18 12.61
CA VAL B 63 -34.27 12.07 13.55
C VAL B 63 -33.72 12.49 14.90
N ARG B 64 -33.95 13.76 15.29
CA ARG B 64 -33.33 14.30 16.49
C ARG B 64 -33.87 13.65 17.75
N ASN B 65 -35.16 13.27 17.74
CA ASN B 65 -35.79 12.76 18.95
C ASN B 65 -35.21 11.42 19.39
N CYS B 66 -34.99 10.51 18.43
CA CYS B 66 -34.56 9.16 18.77
C CYS B 66 -33.04 9.02 18.89
N THR B 67 -32.29 10.07 18.55
CA THR B 67 -30.83 9.99 18.58
C THR B 67 -30.22 10.88 19.65
N GLN B 68 -30.99 11.25 20.68
CA GLN B 68 -30.52 12.23 21.66
C GLN B 68 -29.32 11.70 22.45
N LYS B 69 -29.34 10.42 22.81
CA LYS B 69 -28.26 9.87 23.63
C LYS B 69 -26.97 9.74 22.83
N GLN B 70 -27.05 9.19 21.61
CA GLN B 70 -25.84 8.95 20.84
C GLN B 70 -25.25 10.24 20.30
N PHE B 71 -26.10 11.21 19.95
CA PHE B 71 -25.59 12.45 19.36
C PHE B 71 -24.81 13.27 20.38
N ASP B 72 -25.26 13.29 21.64
CA ASP B 72 -24.53 14.02 22.67
C ASP B 72 -23.16 13.39 22.93
N GLU B 73 -23.09 12.06 22.90
CA GLU B 73 -21.80 11.38 23.04
C GLU B 73 -20.90 11.68 21.85
N TYR B 74 -21.47 11.69 20.64
CA TYR B 74 -20.68 11.97 19.45
C TYR B 74 -20.16 13.40 19.45
N LYS B 75 -20.95 14.34 19.97
CA LYS B 75 -20.50 15.72 20.07
C LYS B 75 -19.29 15.84 21.00
N ASN B 76 -19.33 15.15 22.15
CA ASN B 76 -18.19 15.15 23.06
C ASN B 76 -16.97 14.51 22.42
N LEU B 77 -17.17 13.43 21.67
CA LEU B 77 -16.05 12.80 20.98
C LEU B 77 -15.43 13.73 19.94
N VAL B 78 -16.26 14.44 19.18
CA VAL B 78 -15.75 15.38 18.19
C VAL B 78 -15.00 16.52 18.86
N LYS B 79 -15.53 17.03 19.97
CA LYS B 79 -14.84 18.09 20.71
C LYS B 79 -13.48 17.60 21.21
N ASN B 80 -13.43 16.39 21.77
CA ASN B 80 -12.19 15.83 22.27
C ASN B 80 -11.19 15.56 21.17
N VAL B 81 -11.64 15.28 19.96
CA VAL B 81 -10.69 15.04 18.86
C VAL B 81 -10.31 16.33 18.14
N LEU B 82 -11.08 17.41 18.31
CA LEU B 82 -10.77 18.64 17.59
C LEU B 82 -10.08 19.69 18.45
N GLU B 83 -10.19 19.62 19.78
CA GLU B 83 -9.54 20.63 20.61
C GLU B 83 -8.01 20.68 20.46
N PRO B 84 -7.27 19.57 20.48
CA PRO B 84 -5.82 19.68 20.22
C PRO B 84 -5.48 20.23 18.84
N VAL B 85 -6.31 19.94 17.83
CA VAL B 85 -6.06 20.47 16.48
C VAL B 85 -6.15 21.98 16.47
N LYS B 86 -7.21 22.53 17.10
CA LYS B 86 -7.34 23.98 17.16
C LYS B 86 -6.25 24.60 18.01
N LEU B 87 -5.83 23.92 19.08
CA LEU B 87 -4.73 24.44 19.88
C LEU B 87 -3.44 24.50 19.06
N ALA B 88 -3.16 23.46 18.28
CA ALA B 88 -1.96 23.46 17.44
C ALA B 88 -2.02 24.52 16.36
N LEU B 89 -3.20 24.74 15.77
CA LEU B 89 -3.34 25.80 14.77
C LEU B 89 -3.15 27.17 15.40
N ASN B 90 -3.72 27.38 16.60
CA ASN B 90 -3.59 28.67 17.27
C ASN B 90 -2.16 28.95 17.69
N ALA B 91 -1.41 27.90 18.03
CA ALA B 91 0.01 28.08 18.36
C ALA B 91 0.77 28.63 17.16
N MET B 92 0.57 28.04 15.99
CA MET B 92 1.27 28.49 14.80
C MET B 92 0.81 29.89 14.37
N LEU B 93 -0.48 30.18 14.53
CA LEU B 93 -0.97 31.53 14.22
C LEU B 93 -0.38 32.56 15.16
N ASP B 94 -0.24 32.22 16.45
CA ASP B 94 0.35 33.15 17.40
C ASP B 94 1.85 33.32 17.18
N ASN B 95 2.50 32.31 16.61
CA ASN B 95 3.95 32.50 16.33
C ASN B 95 4.15 33.51 15.21
N VAL B 96 3.08 33.91 14.51
CA VAL B 96 3.23 34.84 13.35
C VAL B 96 2.56 36.16 13.68
N LYS B 97 1.33 36.11 14.22
CA LYS B 97 0.67 37.36 14.65
C LYS B 97 1.64 38.14 15.54
N SER B 98 2.58 37.46 16.19
CA SER B 98 3.60 38.16 17.00
C SER B 98 4.67 38.70 16.06
N CYS B 99 4.26 39.43 15.03
CA CYS B 99 5.23 40.08 14.10
C CYS B 99 4.45 40.70 12.93
N CYS B 109 5.58 37.36 8.70
CA CYS B 109 6.94 37.12 9.25
C CYS B 109 6.88 36.20 10.46
N MET B 110 7.44 34.99 10.35
CA MET B 110 7.41 34.01 11.46
C MET B 110 8.33 34.48 12.59
N ALA B 111 8.23 33.87 13.77
CA ALA B 111 9.14 34.23 14.88
C ALA B 111 10.04 33.05 15.19
N GLY B 112 11.35 33.19 15.00
CA GLY B 112 12.28 32.07 15.22
C GLY B 112 12.38 31.66 16.67
N VAL B 113 12.12 32.59 17.59
CA VAL B 113 12.27 32.26 19.00
C VAL B 113 11.13 31.39 19.48
N ALA B 114 9.90 31.71 19.09
CA ALA B 114 8.73 30.96 19.57
C ALA B 114 8.74 29.52 19.08
N LEU B 115 9.07 29.29 17.81
CA LEU B 115 9.07 27.93 17.29
C LEU B 115 10.23 27.11 17.86
N GLY B 116 11.42 27.69 17.93
CA GLY B 116 12.56 26.99 18.44
C GLY B 116 13.27 26.15 17.40
N VAL B 117 12.57 25.19 16.81
CA VAL B 117 13.16 24.34 15.78
C VAL B 117 12.09 23.88 14.79
N ALA B 118 12.45 23.92 13.51
CA ALA B 118 11.57 23.50 12.42
C ALA B 118 12.36 23.50 11.12
N THR B 119 11.89 22.73 10.15
CA THR B 119 12.47 22.74 8.82
C THR B 119 11.86 23.85 7.99
N ALA B 120 12.42 24.06 6.80
CA ALA B 120 11.95 25.13 5.92
C ALA B 120 10.51 24.91 5.49
N ALA B 121 10.12 23.67 5.24
CA ALA B 121 8.76 23.37 4.83
C ALA B 121 7.76 23.76 5.90
N THR B 122 8.10 23.51 7.17
CA THR B 122 7.20 23.87 8.27
C THR B 122 7.02 25.39 8.37
N VAL B 123 8.10 26.15 8.24
CA VAL B 123 7.99 27.61 8.31
C VAL B 123 7.17 28.14 7.14
N THR B 124 7.42 27.61 5.95
CA THR B 124 6.65 28.04 4.78
C THR B 124 5.17 27.71 4.94
N ALA B 125 4.88 26.52 5.48
CA ALA B 125 3.49 26.13 5.72
C ALA B 125 2.83 27.02 6.76
N GLY B 126 3.56 27.39 7.81
CA GLY B 126 2.99 28.30 8.79
C GLY B 126 2.70 29.68 8.22
N ILE B 127 3.60 30.19 7.39
CA ILE B 127 3.36 31.48 6.75
C ILE B 127 2.16 31.40 5.81
N ALA B 128 2.04 30.30 5.06
CA ALA B 128 0.88 30.12 4.19
C ALA B 128 -0.40 30.02 5.01
N LEU B 129 -0.34 29.38 6.17
CA LEU B 129 -1.50 29.27 7.05
C LEU B 129 -1.93 30.65 7.55
N HIS B 130 -0.97 31.48 7.94
CA HIS B 130 -1.32 32.84 8.35
C HIS B 130 -1.91 33.64 7.19
N ARG B 131 -1.36 33.46 5.98
CA ARG B 131 -1.92 34.15 4.82
C ARG B 131 -3.33 33.67 4.50
N SER B 132 -3.64 32.41 4.81
CA SER B 132 -4.98 31.86 4.59
C SER B 132 -5.92 32.08 5.77
N ASN B 133 -5.42 32.65 6.86
CA ASN B 133 -6.28 32.98 7.99
C ASN B 133 -7.42 33.92 7.59
N GLU B 134 -7.22 34.74 6.55
CA GLU B 134 -8.31 35.60 6.07
C GLU B 134 -9.46 34.76 5.52
N ASN B 135 -9.16 33.76 4.69
CA ASN B 135 -10.19 32.85 4.21
C ASN B 135 -10.77 32.03 5.36
N ALA B 136 -9.95 31.73 6.36
CA ALA B 136 -10.46 31.04 7.54
C ALA B 136 -11.52 31.86 8.26
N GLN B 137 -11.26 33.16 8.44
CA GLN B 137 -12.26 34.04 9.04
C GLN B 137 -13.49 34.19 8.15
N ALA B 138 -13.29 34.23 6.83
CA ALA B 138 -14.43 34.29 5.93
C ALA B 138 -15.31 33.05 6.05
N ILE B 139 -14.68 31.87 6.20
CA ILE B 139 -15.43 30.64 6.42
C ILE B 139 -16.18 30.71 7.75
N ALA B 140 -15.49 31.15 8.81
CA ALA B 140 -16.12 31.24 10.12
C ALA B 140 -17.27 32.23 10.15
N ASN B 141 -17.28 33.20 9.23
CA ASN B 141 -18.40 34.13 9.11
C ASN B 141 -19.69 33.38 8.76
N MET B 142 -19.60 32.31 7.98
CA MET B 142 -20.75 31.57 7.48
C MET B 142 -21.11 30.38 8.38
N LYS B 143 -20.92 30.51 9.69
CA LYS B 143 -21.13 29.40 10.60
C LYS B 143 -22.57 28.89 10.60
N ASN B 144 -23.53 29.82 10.68
CA ASN B 144 -24.93 29.42 10.71
C ASN B 144 -25.37 28.78 9.39
N ALA B 145 -24.90 29.32 8.27
CA ALA B 145 -25.22 28.72 6.98
C ALA B 145 -24.61 27.33 6.83
N ILE B 146 -23.39 27.15 7.34
CA ILE B 146 -22.76 25.83 7.30
C ILE B 146 -23.54 24.84 8.15
N GLN B 147 -23.96 25.28 9.35
CA GLN B 147 -24.70 24.38 10.24
C GLN B 147 -26.07 24.03 9.67
N ASN B 148 -26.72 24.98 8.99
CA ASN B 148 -28.10 24.80 8.57
C ASN B 148 -28.24 24.03 7.26
N THR B 149 -27.14 23.63 6.62
CA THR B 149 -27.24 22.82 5.42
C THR B 149 -27.83 21.46 5.75
N ASN B 150 -28.58 20.88 4.81
CA ASN B 150 -29.36 19.68 5.08
C ASN B 150 -29.27 18.65 3.96
N GLU B 151 -28.20 18.66 3.18
CA GLU B 151 -27.99 17.64 2.16
C GLU B 151 -26.50 17.33 2.07
N ALA B 152 -26.17 16.33 1.24
CA ALA B 152 -24.82 15.79 1.24
C ALA B 152 -23.79 16.83 0.83
N VAL B 153 -23.99 17.49 -0.30
CA VAL B 153 -23.07 18.52 -0.79
C VAL B 153 -23.87 19.77 -1.12
N LYS B 154 -23.41 20.91 -0.62
CA LYS B 154 -24.02 22.19 -0.92
C LYS B 154 -22.94 23.24 -1.12
N GLN B 155 -23.17 24.14 -2.06
CA GLN B 155 -22.23 25.22 -2.36
C GLN B 155 -22.78 26.53 -1.79
N LEU B 156 -21.97 27.22 -1.00
CA LEU B 156 -22.36 28.44 -0.33
C LEU B 156 -21.59 29.62 -0.92
N GLN B 157 -22.30 30.72 -1.17
CA GLN B 157 -21.67 31.93 -1.68
C GLN B 157 -21.01 32.67 -0.52
N LEU B 158 -19.68 32.68 -0.50
CA LEU B 158 -18.94 33.32 0.57
C LEU B 158 -19.00 34.83 0.42
N ALA B 159 -18.67 35.54 1.51
CA ALA B 159 -18.73 36.99 1.50
C ALA B 159 -17.71 37.60 0.55
N ASN B 160 -16.58 36.93 0.33
CA ASN B 160 -15.55 37.41 -0.57
C ASN B 160 -15.80 37.05 -2.03
N LYS B 161 -17.05 36.72 -2.38
CA LYS B 161 -17.46 36.19 -3.67
C LYS B 161 -16.82 34.85 -4.00
N GLN B 162 -16.17 34.21 -3.02
CA GLN B 162 -15.65 32.87 -3.20
C GLN B 162 -16.77 31.85 -3.02
N THR B 163 -16.47 30.60 -3.38
CA THR B 163 -17.40 29.50 -3.22
C THR B 163 -16.72 28.37 -2.46
N LEU B 164 -17.48 27.74 -1.57
CA LEU B 164 -16.98 26.62 -0.78
C LEU B 164 -17.99 25.49 -0.79
N ALA B 165 -17.49 24.28 -0.60
CA ALA B 165 -18.32 23.07 -0.62
C ALA B 165 -18.42 22.49 0.79
N VAL B 166 -19.65 22.19 1.20
CA VAL B 166 -19.92 21.63 2.52
C VAL B 166 -20.18 20.14 2.36
N ILE B 167 -19.58 19.33 3.24
CA ILE B 167 -19.72 17.88 3.21
C ILE B 167 -20.49 17.44 4.44
N ASP B 168 -21.56 16.67 4.22
CA ASP B 168 -22.48 16.24 5.27
C ASP B 168 -22.74 14.74 5.09
N THR B 169 -21.66 13.96 5.01
CA THR B 169 -21.76 12.55 4.63
C THR B 169 -22.81 11.79 5.44
N ILE B 170 -22.89 12.07 6.74
CA ILE B 170 -23.91 11.42 7.57
C ILE B 170 -25.31 11.79 7.10
N ARG B 171 -25.51 13.08 6.77
CA ARG B 171 -26.83 13.51 6.31
C ARG B 171 -27.22 12.82 5.00
N GLY B 172 -26.25 12.54 4.14
CA GLY B 172 -26.55 11.73 2.96
C GLY B 172 -26.99 10.34 3.33
N GLU B 173 -26.30 9.71 4.29
CA GLU B 173 -26.70 8.39 4.76
C GLU B 173 -28.09 8.42 5.36
N ILE B 174 -28.40 9.45 6.14
CA ILE B 174 -29.73 9.58 6.72
C ILE B 174 -30.77 9.70 5.62
N ASN B 175 -30.57 10.65 4.70
CA ASN B 175 -31.55 10.90 3.65
C ASN B 175 -31.74 9.71 2.72
N ASN B 176 -30.74 8.84 2.61
CA ASN B 176 -30.85 7.68 1.73
C ASN B 176 -31.34 6.42 2.43
N ASN B 177 -31.11 6.28 3.74
CA ASN B 177 -31.36 5.00 4.40
C ASN B 177 -32.35 5.04 5.56
N ILE B 178 -32.68 6.21 6.12
CA ILE B 178 -33.52 6.32 7.30
C ILE B 178 -34.80 7.08 7.01
N ILE B 179 -34.70 8.22 6.33
CA ILE B 179 -35.88 9.01 5.99
C ILE B 179 -36.86 8.25 5.10
N PRO B 180 -36.45 7.55 4.03
CA PRO B 180 -37.43 6.81 3.22
C PRO B 180 -38.15 5.69 3.97
N VAL B 181 -37.58 5.18 5.06
CA VAL B 181 -38.20 4.09 5.81
C VAL B 181 -38.45 4.53 7.24
N ILE B 182 -38.72 5.82 7.44
CA ILE B 182 -38.87 6.37 8.78
C ILE B 182 -40.13 5.84 9.46
N ASN B 183 -41.13 5.43 8.69
CA ASN B 183 -42.36 4.94 9.30
C ASN B 183 -42.20 3.53 9.85
N GLN B 184 -41.42 2.69 9.18
CA GLN B 184 -41.28 1.29 9.57
C GLN B 184 -40.41 1.10 10.81
N LEU B 185 -39.35 1.88 10.94
CA LEU B 185 -38.41 1.68 12.02
C LEU B 185 -38.97 2.19 13.35
N SER B 186 -38.71 1.45 14.43
CA SER B 186 -39.04 1.92 15.76
C SER B 186 -38.01 2.93 16.24
N CYS B 187 -38.35 3.65 17.30
CA CYS B 187 -37.50 4.75 17.77
C CYS B 187 -36.15 4.24 18.26
N ASP B 188 -36.13 3.13 18.99
CA ASP B 188 -34.87 2.59 19.48
C ASP B 188 -33.99 2.11 18.34
N THR B 189 -34.60 1.48 17.32
CA THR B 189 -33.83 1.02 16.17
C THR B 189 -33.21 2.19 15.40
N ILE B 190 -33.95 3.31 15.27
CA ILE B 190 -33.39 4.49 14.62
C ILE B 190 -32.19 5.00 15.40
N GLY B 191 -32.30 5.07 16.72
CA GLY B 191 -31.19 5.53 17.53
C GLY B 191 -29.96 4.65 17.40
N LEU B 192 -30.16 3.32 17.45
CA LEU B 192 -29.04 2.40 17.31
C LEU B 192 -28.39 2.52 15.93
N SER B 193 -29.22 2.61 14.88
CA SER B 193 -28.68 2.68 13.53
C SER B 193 -27.91 3.98 13.30
N VAL B 194 -28.45 5.11 13.74
CA VAL B 194 -27.74 6.37 13.56
C VAL B 194 -26.49 6.43 14.43
N GLY B 195 -26.51 5.79 15.61
CA GLY B 195 -25.30 5.69 16.39
C GLY B 195 -24.21 4.90 15.68
N ILE B 196 -24.59 3.79 15.05
CA ILE B 196 -23.64 3.01 14.27
C ILE B 196 -23.10 3.83 13.10
N LYS B 197 -23.98 4.60 12.45
CA LYS B 197 -23.55 5.44 11.33
C LYS B 197 -22.56 6.52 11.80
N LEU B 198 -22.84 7.14 12.94
CA LEU B 198 -21.96 8.19 13.46
C LEU B 198 -20.61 7.60 13.84
N THR B 199 -20.61 6.41 14.47
CA THR B 199 -19.36 5.75 14.81
C THR B 199 -18.58 5.38 13.56
N GLN B 200 -19.28 4.96 12.50
CA GLN B 200 -18.62 4.65 11.23
C GLN B 200 -17.97 5.88 10.63
N TYR B 201 -18.68 7.01 10.66
CA TYR B 201 -18.11 8.25 10.12
C TYR B 201 -16.91 8.71 10.94
N TYR B 202 -16.99 8.56 12.27
CA TYR B 202 -15.85 8.89 13.11
C TYR B 202 -14.65 8.01 12.79
N SER B 203 -14.89 6.72 12.55
CA SER B 203 -13.80 5.83 12.16
C SER B 203 -13.19 6.24 10.84
N GLU B 204 -14.03 6.61 9.87
CA GLU B 204 -13.52 7.03 8.56
C GLU B 204 -12.70 8.31 8.68
N ILE B 205 -13.16 9.24 9.53
CA ILE B 205 -12.42 10.48 9.74
C ILE B 205 -11.07 10.20 10.39
N LEU B 206 -11.05 9.33 11.40
CA LEU B 206 -9.79 8.96 12.02
C LEU B 206 -8.86 8.24 11.07
N THR B 207 -9.39 7.53 10.08
CA THR B 207 -8.55 6.82 9.11
C THR B 207 -7.91 7.80 8.13
N ALA B 208 -8.68 8.77 7.63
CA ALA B 208 -8.19 9.64 6.57
C ALA B 208 -7.47 10.87 7.13
N PHE B 209 -8.09 11.56 8.09
CA PHE B 209 -7.54 12.78 8.66
C PHE B 209 -6.62 12.52 9.83
N GLY B 210 -6.32 11.27 10.14
CA GLY B 210 -5.52 10.91 11.29
C GLY B 210 -4.13 11.53 11.32
N PRO B 211 -3.34 11.36 10.24
CA PRO B 211 -2.05 12.04 10.18
C PRO B 211 -2.16 13.56 10.16
N ALA B 212 -3.31 14.12 9.81
CA ALA B 212 -3.48 15.57 9.77
C ALA B 212 -3.84 16.14 11.14
N LEU B 213 -4.70 15.46 11.89
CA LEU B 213 -5.11 15.99 13.18
C LEU B 213 -3.98 15.94 14.20
N GLN B 214 -2.97 15.11 13.96
CA GLN B 214 -1.80 15.06 14.83
C GLN B 214 -0.70 16.03 14.41
N ASN B 215 -0.85 16.67 13.24
CA ASN B 215 0.14 17.61 12.71
C ASN B 215 -0.51 18.48 11.65
N PRO B 216 -1.30 19.48 12.04
CA PRO B 216 -2.13 20.19 11.05
C PRO B 216 -1.35 21.06 10.09
N VAL B 217 -0.28 21.71 10.54
CA VAL B 217 0.39 22.70 9.70
C VAL B 217 1.17 22.03 8.59
N ASN B 218 1.63 20.80 8.80
CA ASN B 218 2.52 20.17 7.83
C ASN B 218 1.80 19.19 6.93
N THR B 219 0.84 18.43 7.47
CA THR B 219 0.26 17.32 6.74
C THR B 219 -0.64 17.82 5.62
N ARG B 220 -0.45 17.25 4.43
CA ARG B 220 -1.28 17.52 3.27
C ARG B 220 -1.93 16.23 2.81
N ILE B 221 -3.20 16.31 2.44
CA ILE B 221 -4.04 15.15 2.15
C ILE B 221 -4.46 15.20 0.69
N THR B 222 -4.27 14.09 -0.02
CA THR B 222 -4.71 14.02 -1.40
C THR B 222 -6.24 14.00 -1.47
N ILE B 223 -6.77 14.36 -2.64
CA ILE B 223 -8.22 14.48 -2.79
C ILE B 223 -8.91 13.13 -2.68
N GLN B 224 -8.23 12.04 -3.07
CA GLN B 224 -8.81 10.71 -2.89
C GLN B 224 -8.91 10.36 -1.41
N ALA B 225 -7.86 10.67 -0.64
CA ALA B 225 -7.90 10.38 0.79
C ALA B 225 -8.94 11.24 1.50
N ILE B 226 -9.11 12.49 1.06
CA ILE B 226 -10.17 13.34 1.59
C ILE B 226 -11.54 12.75 1.24
N SER B 227 -11.69 12.29 0.01
CA SER B 227 -12.96 11.71 -0.44
C SER B 227 -13.25 10.38 0.22
N SER B 228 -12.26 9.73 0.81
CA SER B 228 -12.50 8.46 1.51
C SER B 228 -13.48 8.60 2.66
N VAL B 229 -13.66 9.81 3.20
CA VAL B 229 -14.74 10.05 4.17
C VAL B 229 -16.06 10.34 3.50
N PHE B 230 -16.09 10.41 2.17
CA PHE B 230 -17.31 10.69 1.41
C PHE B 230 -17.53 9.58 0.40
N ASN B 231 -17.39 8.33 0.87
CA ASN B 231 -17.61 7.12 0.09
C ASN B 231 -16.68 7.01 -1.12
N ARG B 232 -15.48 7.58 -1.03
CA ARG B 232 -14.47 7.57 -2.11
C ARG B 232 -15.00 8.22 -3.39
N ASN B 233 -15.86 9.22 -3.27
CA ASN B 233 -16.47 9.88 -4.40
C ASN B 233 -15.77 11.18 -4.74
N PHE B 234 -14.52 11.11 -5.21
CA PHE B 234 -13.76 12.34 -5.43
C PHE B 234 -14.26 13.10 -6.65
N ASP B 235 -14.93 12.42 -7.59
CA ASP B 235 -15.48 13.12 -8.73
C ASP B 235 -16.55 14.10 -8.27
N GLU B 236 -17.38 13.72 -7.31
CA GLU B 236 -18.38 14.64 -6.79
C GLU B 236 -17.74 15.83 -6.12
N LEU B 237 -16.62 15.64 -5.41
CA LEU B 237 -15.92 16.75 -4.79
C LEU B 237 -15.34 17.69 -5.84
N LEU B 238 -14.77 17.14 -6.91
CA LEU B 238 -14.22 17.99 -7.96
C LEU B 238 -15.31 18.73 -8.72
N LYS B 239 -16.46 18.08 -8.91
CA LYS B 239 -17.53 18.66 -9.71
C LYS B 239 -18.15 19.87 -9.01
N ILE B 240 -18.38 19.76 -7.70
CA ILE B 240 -19.03 20.85 -6.99
C ILE B 240 -18.08 22.06 -6.94
N MET B 241 -16.78 21.80 -6.88
CA MET B 241 -15.80 22.88 -6.87
C MET B 241 -15.41 23.35 -8.27
N GLY B 242 -16.05 22.81 -9.31
CA GLY B 242 -15.99 23.40 -10.64
C GLY B 242 -15.13 22.70 -11.67
N TYR B 243 -14.55 21.55 -11.34
CA TYR B 243 -13.66 20.85 -12.26
C TYR B 243 -14.22 19.47 -12.59
N THR B 244 -14.28 19.15 -13.88
CA THR B 244 -14.65 17.81 -14.31
C THR B 244 -13.47 16.87 -14.12
N SER B 245 -13.75 15.65 -13.64
CA SER B 245 -12.68 14.74 -13.28
C SER B 245 -11.90 14.27 -14.51
N GLY B 246 -12.59 14.11 -15.64
CA GLY B 246 -11.91 13.66 -16.85
C GLY B 246 -10.92 14.68 -17.40
N ASP B 247 -11.27 15.96 -17.34
CA ASP B 247 -10.37 17.00 -17.85
C ASP B 247 -9.20 17.24 -16.91
N LEU B 248 -9.39 16.99 -15.62
CA LEU B 248 -8.36 17.23 -14.61
C LEU B 248 -7.53 15.99 -14.31
N TYR B 249 -7.57 14.97 -15.17
CA TYR B 249 -6.93 13.70 -14.83
C TYR B 249 -5.42 13.81 -14.81
N GLU B 250 -4.85 14.74 -15.59
CA GLU B 250 -3.40 14.89 -15.63
C GLU B 250 -2.85 15.29 -14.26
N ILE B 251 -3.53 16.20 -13.57
CA ILE B 251 -3.15 16.58 -12.22
C ILE B 251 -3.59 15.52 -11.23
N LEU B 252 -4.81 14.98 -11.42
CA LEU B 252 -5.43 14.11 -10.43
C LEU B 252 -4.68 12.79 -10.29
N HIS B 253 -4.20 12.24 -11.40
CA HIS B 253 -3.61 10.90 -11.38
C HIS B 253 -2.34 10.85 -10.54
N SER B 254 -1.51 11.88 -10.63
CA SER B 254 -0.24 11.92 -9.93
C SER B 254 -0.38 12.24 -8.44
N GLY B 255 -1.60 12.44 -7.96
CA GLY B 255 -1.79 12.80 -6.57
C GLY B 255 -1.37 14.21 -6.23
N LEU B 256 -1.46 15.14 -7.17
CA LEU B 256 -1.06 16.52 -6.95
C LEU B 256 -2.18 17.40 -6.42
N ILE B 257 -3.40 16.89 -6.35
CA ILE B 257 -4.51 17.63 -5.76
C ILE B 257 -4.50 17.41 -4.26
N ARG B 258 -3.82 18.29 -3.54
CA ARG B 258 -3.63 18.14 -2.11
C ARG B 258 -4.66 18.94 -1.34
N GLY B 259 -4.72 18.71 -0.03
CA GLY B 259 -5.58 19.47 0.86
C GLY B 259 -4.86 19.77 2.16
N ASN B 260 -5.13 20.95 2.72
CA ASN B 260 -4.46 21.41 3.92
C ASN B 260 -5.48 22.00 4.89
N ILE B 261 -5.30 21.72 6.18
CA ILE B 261 -6.20 22.25 7.20
C ILE B 261 -6.03 23.75 7.31
N ILE B 262 -7.14 24.48 7.32
CA ILE B 262 -7.13 25.94 7.34
C ILE B 262 -7.75 26.51 8.61
N ASP B 263 -8.68 25.78 9.23
CA ASP B 263 -9.42 26.27 10.38
C ASP B 263 -10.24 25.13 10.96
N VAL B 264 -10.33 25.11 12.28
CA VAL B 264 -11.12 24.12 13.00
C VAL B 264 -11.95 24.85 14.05
N ASP B 265 -13.24 24.54 14.09
CA ASP B 265 -14.15 25.08 15.09
C ASP B 265 -14.65 23.95 15.97
N VAL B 266 -14.24 23.95 17.23
CA VAL B 266 -14.51 22.81 18.11
C VAL B 266 -15.96 22.73 18.55
N GLU B 267 -16.71 23.84 18.51
CA GLU B 267 -18.11 23.82 18.90
C GLU B 267 -19.06 23.62 17.74
N ALA B 268 -18.80 24.26 16.60
CA ALA B 268 -19.59 24.00 15.40
C ALA B 268 -19.24 22.66 14.77
N GLY B 269 -18.06 22.12 15.06
CA GLY B 269 -17.69 20.79 14.62
C GLY B 269 -17.44 20.66 13.13
N TYR B 270 -16.40 21.31 12.63
CA TYR B 270 -15.98 21.12 11.25
C TYR B 270 -14.50 21.42 11.13
N ILE B 271 -13.89 20.85 10.09
CA ILE B 271 -12.52 21.18 9.70
C ILE B 271 -12.55 21.72 8.28
N ALA B 272 -12.02 22.92 8.09
CA ALA B 272 -12.04 23.56 6.79
C ALA B 272 -10.71 23.35 6.08
N LEU B 273 -10.79 22.92 4.83
CA LEU B 273 -9.61 22.57 4.05
C LEU B 273 -9.50 23.46 2.83
N GLU B 274 -8.27 23.76 2.42
CA GLU B 274 -7.98 24.48 1.20
C GLU B 274 -7.28 23.53 0.24
N ILE B 275 -7.86 23.35 -0.95
CA ILE B 275 -7.41 22.36 -1.91
C ILE B 275 -6.70 23.08 -3.05
N GLU B 276 -5.50 22.63 -3.38
CA GLU B 276 -4.70 23.24 -4.45
C GLU B 276 -4.95 22.51 -5.76
N PHE B 277 -5.19 23.27 -6.81
CA PHE B 277 -5.26 22.72 -8.16
C PHE B 277 -4.08 23.26 -8.96
N PRO B 278 -2.91 22.66 -8.82
CA PRO B 278 -1.69 23.27 -9.36
C PRO B 278 -1.64 23.24 -10.88
N ASN B 279 -0.99 24.24 -11.45
CA ASN B 279 -0.64 24.21 -12.87
C ASN B 279 0.66 23.44 -13.05
N LEU B 280 0.80 22.83 -14.22
CA LEU B 280 1.97 22.03 -14.55
C LEU B 280 2.82 22.77 -15.57
N THR B 281 4.09 22.96 -15.24
CA THR B 281 5.01 23.73 -16.06
C THR B 281 5.99 22.79 -16.76
N LEU B 282 6.14 22.97 -18.07
CA LEU B 282 7.10 22.18 -18.84
C LEU B 282 8.51 22.67 -18.52
N VAL B 283 9.36 21.76 -18.05
CA VAL B 283 10.73 22.14 -17.74
C VAL B 283 11.46 22.48 -19.03
N PRO B 284 12.17 23.61 -19.11
CA PRO B 284 12.77 24.04 -20.37
C PRO B 284 13.86 23.09 -20.84
N ASN B 285 13.66 22.52 -22.04
CA ASN B 285 14.65 21.68 -22.72
C ASN B 285 15.11 20.51 -21.85
N ALA B 286 14.17 19.81 -21.22
CA ALA B 286 14.46 18.63 -20.43
C ALA B 286 13.53 17.50 -20.85
N VAL B 287 14.11 16.33 -21.12
CA VAL B 287 13.36 15.15 -21.51
C VAL B 287 13.75 13.99 -20.61
N VAL B 288 12.88 12.99 -20.54
CA VAL B 288 13.10 11.78 -19.77
C VAL B 288 13.14 10.60 -20.73
N GLN B 289 14.24 9.85 -20.70
CA GLN B 289 14.49 8.78 -21.66
C GLN B 289 14.33 7.43 -20.98
N GLU B 290 13.65 6.51 -21.64
CA GLU B 290 13.47 5.16 -21.13
C GLU B 290 14.40 4.19 -21.87
N LEU B 291 14.93 3.22 -21.14
CA LEU B 291 15.87 2.24 -21.70
C LEU B 291 15.32 0.84 -21.42
N MET B 292 15.23 0.02 -22.47
CA MET B 292 14.94 -1.39 -22.27
C MET B 292 16.23 -2.15 -22.02
N PRO B 293 16.30 -3.00 -21.00
CA PRO B 293 17.40 -3.94 -20.90
C PRO B 293 17.16 -5.15 -21.78
N ILE B 294 18.23 -5.61 -22.42
CA ILE B 294 18.18 -6.73 -23.36
C ILE B 294 19.33 -7.67 -23.05
N SER B 295 19.02 -8.95 -22.92
CA SER B 295 20.05 -9.95 -22.67
C SER B 295 20.97 -10.07 -23.87
N TYR B 296 22.27 -10.16 -23.59
CA TYR B 296 23.28 -10.31 -24.62
C TYR B 296 24.21 -11.44 -24.22
N ASN B 297 24.81 -12.09 -25.22
CA ASN B 297 25.58 -13.28 -24.93
C ASN B 297 27.07 -12.98 -25.14
N VAL B 298 27.89 -13.47 -24.22
CA VAL B 298 29.34 -13.55 -24.38
C VAL B 298 29.77 -14.97 -24.06
N ASP B 299 30.26 -15.68 -25.08
CA ASP B 299 30.72 -17.07 -24.94
C ASP B 299 29.63 -17.99 -24.39
N GLY B 300 28.39 -17.81 -24.87
CA GLY B 300 27.30 -18.70 -24.55
C GLY B 300 26.46 -18.30 -23.36
N ASP B 301 26.91 -17.34 -22.56
CA ASP B 301 26.21 -17.00 -21.32
C ASP B 301 25.39 -15.73 -21.48
N GLU B 302 24.18 -15.75 -20.91
CA GLU B 302 23.30 -14.59 -20.98
C GLU B 302 23.69 -13.57 -19.90
N TRP B 303 23.72 -12.30 -20.28
CA TRP B 303 24.05 -11.21 -19.38
C TRP B 303 23.07 -10.06 -19.56
N VAL B 304 22.77 -9.37 -18.46
CA VAL B 304 21.88 -8.22 -18.46
C VAL B 304 22.63 -7.03 -17.87
N THR B 305 22.60 -5.91 -18.59
CA THR B 305 23.24 -4.68 -18.14
C THR B 305 22.30 -3.93 -17.19
N LEU B 306 22.82 -3.54 -16.03
CA LEU B 306 22.02 -2.91 -15.00
C LEU B 306 22.14 -1.40 -15.10
N VAL B 307 21.07 -0.75 -15.55
CA VAL B 307 20.99 0.71 -15.63
C VAL B 307 19.61 1.15 -15.17
N PRO B 308 19.49 2.41 -14.74
CA PRO B 308 18.15 2.94 -14.44
C PRO B 308 17.25 2.88 -15.66
N ARG B 309 15.98 2.56 -15.41
CA ARG B 309 15.03 2.43 -16.52
C ARG B 309 14.63 3.79 -17.07
N PHE B 310 14.79 4.85 -16.29
CA PHE B 310 14.49 6.22 -16.72
C PHE B 310 15.69 7.10 -16.46
N VAL B 311 16.16 7.79 -17.49
CA VAL B 311 17.30 8.69 -17.39
C VAL B 311 16.90 10.06 -17.90
N LEU B 312 17.14 11.08 -17.09
CA LEU B 312 16.75 12.45 -17.39
C LEU B 312 17.89 13.16 -18.11
N THR B 313 17.55 13.86 -19.20
CA THR B 313 18.53 14.57 -20.00
C THR B 313 18.18 16.06 -19.99
N ARG B 314 19.11 16.87 -19.49
CA ARG B 314 18.98 18.31 -19.54
C ARG B 314 19.80 18.84 -20.72
N THR B 315 19.99 20.17 -20.76
CA THR B 315 20.71 20.78 -21.87
C THR B 315 22.15 20.31 -21.93
N THR B 316 22.84 20.28 -20.79
CA THR B 316 24.24 19.87 -20.75
C THR B 316 24.54 18.91 -19.60
N LEU B 317 23.53 18.27 -19.03
CA LEU B 317 23.73 17.40 -17.90
C LEU B 317 22.92 16.12 -18.07
N LEU B 318 23.39 15.06 -17.41
CA LEU B 318 22.71 13.77 -17.37
C LEU B 318 22.54 13.37 -15.91
N SER B 319 21.31 13.06 -15.51
CA SER B 319 21.04 12.78 -14.11
C SER B 319 19.94 11.75 -13.98
N ASN B 320 19.96 11.03 -12.85
CA ASN B 320 18.89 10.10 -12.54
C ASN B 320 17.60 10.84 -12.20
N ILE B 321 16.50 10.11 -12.23
CA ILE B 321 15.22 10.64 -11.79
C ILE B 321 14.48 9.53 -11.04
N ASP B 322 14.05 9.83 -9.81
CA ASP B 322 13.32 8.86 -8.99
C ASP B 322 11.89 8.76 -9.51
N THR B 323 11.70 7.87 -10.49
CA THR B 323 10.40 7.69 -11.10
C THR B 323 9.39 7.03 -10.17
N SER B 324 9.84 6.42 -9.06
CA SER B 324 8.89 5.86 -8.10
C SER B 324 8.05 6.95 -7.44
N ARG B 325 8.67 8.07 -7.05
CA ARG B 325 7.93 9.18 -6.48
C ARG B 325 7.15 9.96 -7.54
N CYS B 326 7.61 9.93 -8.78
CA CYS B 326 6.93 10.63 -9.86
C CYS B 326 5.81 9.75 -10.43
N THR B 327 5.17 10.26 -11.47
CA THR B 327 4.12 9.54 -12.19
C THR B 327 4.43 9.58 -13.68
N VAL B 328 4.40 8.41 -14.31
CA VAL B 328 4.69 8.28 -15.73
C VAL B 328 3.38 8.18 -16.48
N THR B 329 3.08 9.19 -17.29
CA THR B 329 1.90 9.18 -18.14
C THR B 329 2.26 8.61 -19.51
N GLU B 330 1.34 8.78 -20.46
CA GLU B 330 1.57 8.23 -21.80
C GLU B 330 2.63 9.01 -22.57
N SER B 331 2.84 10.28 -22.25
CA SER B 331 3.79 11.09 -23.01
C SER B 331 4.64 11.99 -22.14
N SER B 332 4.43 11.97 -20.83
CA SER B 332 5.13 12.90 -19.96
C SER B 332 5.32 12.29 -18.58
N VAL B 333 6.28 12.84 -17.84
CA VAL B 333 6.56 12.46 -16.45
C VAL B 333 6.22 13.63 -15.56
N ILE B 334 5.39 13.39 -14.54
CA ILE B 334 4.88 14.44 -13.66
C ILE B 334 5.44 14.21 -12.26
N CYS B 335 6.08 15.23 -11.71
CA CYS B 335 6.63 15.18 -10.35
C CYS B 335 6.27 16.45 -9.61
N ASP B 336 6.07 16.32 -8.29
CA ASP B 336 5.81 17.48 -7.45
C ASP B 336 7.07 18.28 -7.15
N ASN B 337 8.25 17.70 -7.36
CA ASN B 337 9.51 18.41 -7.18
C ASN B 337 10.47 17.97 -8.27
N ASP B 338 11.64 18.60 -8.30
CA ASP B 338 12.59 18.32 -9.39
C ASP B 338 13.10 16.88 -9.33
N TYR B 339 13.52 16.43 -8.15
CA TYR B 339 13.94 15.04 -7.91
C TYR B 339 15.05 14.59 -8.84
N ALA B 340 15.89 15.50 -9.31
CA ALA B 340 16.99 15.14 -10.20
C ALA B 340 18.19 14.74 -9.36
N LEU B 341 18.31 13.45 -9.07
CA LEU B 341 19.43 12.96 -8.29
C LEU B 341 20.69 12.88 -9.14
N PRO B 342 21.87 13.02 -8.54
CA PRO B 342 23.11 12.92 -9.30
C PRO B 342 23.40 11.49 -9.74
N MET B 343 24.34 11.36 -10.67
CA MET B 343 24.67 10.08 -11.27
C MET B 343 26.12 9.73 -10.95
N SER B 344 26.37 8.43 -10.74
CA SER B 344 27.72 7.98 -10.43
C SER B 344 28.63 8.17 -11.65
N TYR B 345 29.93 8.33 -11.38
CA TYR B 345 30.89 8.52 -12.47
C TYR B 345 30.96 7.27 -13.35
N GLU B 346 30.92 6.08 -12.74
CA GLU B 346 30.96 4.85 -13.52
C GLU B 346 29.76 4.74 -14.46
N LEU B 347 28.56 5.06 -13.96
CA LEU B 347 27.37 4.97 -14.80
C LEU B 347 27.36 6.04 -15.88
N ILE B 348 27.88 7.23 -15.56
CA ILE B 348 28.01 8.28 -16.58
C ILE B 348 28.96 7.82 -17.69
N GLY B 349 30.09 7.24 -17.32
CA GLY B 349 31.01 6.72 -18.32
C GLY B 349 30.40 5.59 -19.13
N CYS B 350 29.58 4.76 -18.48
CA CYS B 350 28.89 3.68 -19.17
C CYS B 350 27.93 4.22 -20.23
N LEU B 351 27.17 5.25 -19.87
CA LEU B 351 26.20 5.79 -20.82
C LEU B 351 26.82 6.69 -21.87
N GLN B 352 28.01 7.23 -21.60
CA GLN B 352 28.64 8.14 -22.55
C GLN B 352 29.58 7.45 -23.54
N GLY B 353 29.74 6.13 -23.46
CA GLY B 353 30.55 5.39 -24.41
C GLY B 353 31.54 4.42 -23.79
N ASP B 354 31.97 4.62 -22.54
CA ASP B 354 32.90 3.71 -21.90
C ASP B 354 32.14 2.51 -21.31
N THR B 355 31.78 1.58 -22.20
CA THR B 355 30.93 0.47 -21.82
C THR B 355 31.61 -0.55 -20.93
N SER B 356 32.93 -0.48 -20.78
CA SER B 356 33.64 -1.43 -19.94
C SER B 356 33.25 -1.27 -18.46
N LYS B 357 32.77 -0.10 -18.09
CA LYS B 357 32.42 0.19 -16.70
C LYS B 357 30.94 -0.07 -16.38
N CYS B 358 30.17 -0.57 -17.34
CA CYS B 358 28.77 -0.84 -17.09
C CYS B 358 28.61 -2.02 -16.13
N ALA B 359 27.61 -1.94 -15.26
CA ALA B 359 27.30 -3.06 -14.38
C ALA B 359 26.57 -4.15 -15.17
N ARG B 360 27.07 -5.37 -15.05
CA ARG B 360 26.53 -6.49 -15.80
C ARG B 360 26.30 -7.68 -14.88
N GLU B 361 25.27 -8.45 -15.19
CA GLU B 361 24.77 -9.50 -14.30
C GLU B 361 24.52 -10.77 -15.10
N LYS B 362 25.03 -11.88 -14.60
CA LYS B 362 24.78 -13.18 -15.22
C LYS B 362 23.30 -13.54 -15.07
N VAL B 363 22.74 -14.13 -16.13
CA VAL B 363 21.36 -14.59 -16.09
C VAL B 363 21.33 -16.06 -15.70
N VAL B 364 20.67 -16.36 -14.59
CA VAL B 364 20.41 -17.75 -14.19
C VAL B 364 18.90 -17.92 -14.14
N SER B 365 18.20 -17.12 -14.93
CA SER B 365 16.74 -17.10 -14.95
C SER B 365 16.23 -17.48 -16.33
N SER B 366 14.99 -17.99 -16.37
CA SER B 366 14.39 -18.34 -17.65
C SER B 366 13.59 -17.19 -18.26
N TYR B 367 13.34 -16.13 -17.49
CA TYR B 367 12.54 -15.01 -17.96
C TYR B 367 13.44 -13.77 -18.02
N VAL B 368 13.86 -13.42 -19.24
CA VAL B 368 14.54 -12.16 -19.53
C VAL B 368 13.99 -11.70 -20.88
N PRO B 369 13.78 -10.40 -21.10
CA PRO B 369 13.45 -9.94 -22.46
C PRO B 369 14.60 -10.23 -23.41
N ARG B 370 14.31 -10.99 -24.46
CA ARG B 370 15.31 -11.37 -25.44
C ARG B 370 15.30 -10.50 -26.69
N PHE B 371 14.26 -9.70 -26.91
CA PHE B 371 14.20 -8.85 -28.08
C PHE B 371 13.47 -7.56 -27.74
N ALA B 372 13.81 -6.51 -28.47
CA ALA B 372 13.18 -5.21 -28.30
C ALA B 372 13.09 -4.53 -29.66
N LEU B 373 12.11 -3.64 -29.79
CA LEU B 373 11.83 -2.96 -31.04
C LEU B 373 12.05 -1.46 -30.86
N SER B 374 12.90 -0.88 -31.70
CA SER B 374 13.21 0.53 -31.61
C SER B 374 13.61 1.07 -32.97
N ASP B 375 13.04 2.22 -33.35
CA ASP B 375 13.34 2.84 -34.67
C ASP B 375 12.90 1.89 -35.78
N GLY B 376 11.84 1.11 -35.52
CA GLY B 376 11.34 0.15 -36.53
C GLY B 376 12.31 -1.01 -36.71
N LEU B 377 13.36 -1.07 -35.89
CA LEU B 377 14.37 -2.14 -36.00
C LEU B 377 14.32 -3.02 -34.74
N VAL B 378 14.21 -4.33 -34.91
CA VAL B 378 14.16 -5.23 -33.76
C VAL B 378 15.56 -5.73 -33.47
N TYR B 379 15.96 -5.66 -32.21
CA TYR B 379 17.25 -6.13 -31.74
C TYR B 379 17.03 -7.36 -30.88
N ALA B 380 17.65 -8.47 -31.24
CA ALA B 380 17.37 -9.73 -30.58
C ALA B 380 18.66 -10.49 -30.30
N ASN B 381 18.62 -11.33 -29.26
CA ASN B 381 19.73 -12.21 -28.92
C ASN B 381 19.46 -13.62 -29.45
N CYS B 382 19.91 -13.85 -30.68
CA CYS B 382 19.50 -15.02 -31.45
C CYS B 382 20.21 -16.31 -31.04
N LEU B 383 21.20 -16.25 -30.15
CA LEU B 383 21.79 -17.48 -29.64
C LEU B 383 21.07 -18.00 -28.40
N ASN B 384 20.10 -17.24 -27.89
CA ASN B 384 19.30 -17.64 -26.76
C ASN B 384 17.80 -17.62 -27.07
N THR B 385 17.45 -17.35 -28.33
CA THR B 385 16.08 -17.44 -28.81
C THR B 385 16.14 -17.66 -30.31
N ILE B 386 15.09 -18.26 -30.86
CA ILE B 386 15.11 -18.59 -32.28
C ILE B 386 14.87 -17.35 -33.12
N CYS B 387 15.55 -17.28 -34.27
CA CYS B 387 15.41 -16.17 -35.19
C CYS B 387 15.31 -16.70 -36.61
N ARG B 388 14.22 -16.37 -37.29
CA ARG B 388 13.94 -16.87 -38.63
C ARG B 388 13.40 -15.76 -39.52
N CYS B 389 13.64 -15.89 -40.82
CA CYS B 389 12.88 -15.13 -41.80
C CYS B 389 11.74 -15.98 -42.34
N MET B 390 10.59 -15.37 -42.59
CA MET B 390 9.52 -16.07 -43.30
C MET B 390 9.66 -15.98 -44.81
N ASP B 391 10.56 -15.14 -45.32
CA ASP B 391 10.73 -15.04 -46.77
C ASP B 391 11.48 -16.25 -47.32
N THR B 392 12.51 -16.70 -46.60
CA THR B 392 13.25 -17.90 -47.01
C THR B 392 12.99 -19.10 -46.11
N ASP B 393 12.39 -18.88 -44.93
CA ASP B 393 12.16 -19.93 -43.93
C ASP B 393 13.47 -20.63 -43.56
N THR B 394 14.51 -19.81 -43.30
CA THR B 394 15.83 -20.37 -42.91
C THR B 394 16.28 -19.70 -41.60
N PRO B 395 16.96 -20.43 -40.69
CA PRO B 395 17.38 -19.86 -39.40
C PRO B 395 18.37 -18.69 -39.54
N ILE B 396 18.18 -17.64 -38.74
CA ILE B 396 19.12 -16.48 -38.75
C ILE B 396 20.29 -16.80 -37.83
N SER B 397 21.53 -16.62 -38.31
CA SER B 397 22.70 -16.94 -37.52
C SER B 397 23.47 -15.67 -37.18
N GLN B 398 23.78 -15.51 -35.90
CA GLN B 398 24.70 -14.46 -35.44
C GLN B 398 25.90 -15.17 -34.82
N SER B 399 27.08 -14.58 -34.98
CA SER B 399 28.29 -15.20 -34.46
C SER B 399 28.33 -15.15 -32.95
N LEU B 400 29.11 -16.06 -32.35
CA LEU B 400 29.40 -15.99 -30.93
C LEU B 400 30.25 -14.79 -30.57
N GLY B 401 30.92 -14.19 -31.55
CA GLY B 401 31.77 -13.04 -31.34
C GLY B 401 31.05 -11.71 -31.29
N THR B 402 29.73 -11.71 -31.43
CA THR B 402 28.94 -10.50 -31.32
C THR B 402 27.84 -10.71 -30.29
N THR B 403 27.44 -9.61 -29.63
CA THR B 403 26.49 -9.71 -28.53
C THR B 403 25.05 -9.73 -29.03
N VAL B 404 24.60 -8.67 -29.67
CA VAL B 404 23.23 -8.55 -30.14
C VAL B 404 23.26 -8.35 -31.66
N SER B 405 22.25 -8.90 -32.33
CA SER B 405 22.17 -8.86 -33.78
C SER B 405 21.08 -7.90 -34.23
N LEU B 406 21.35 -7.20 -35.32
CA LEU B 406 20.41 -6.25 -35.91
C LEU B 406 19.60 -6.95 -36.99
N LEU B 407 18.28 -6.80 -36.93
CA LEU B 407 17.37 -7.37 -37.92
C LEU B 407 16.69 -6.24 -38.66
N ASP B 408 16.85 -6.20 -39.98
CA ASP B 408 16.29 -5.12 -40.77
C ASP B 408 16.05 -5.61 -42.19
N ASN B 409 15.54 -4.71 -43.03
CA ASN B 409 15.07 -5.07 -44.36
C ASN B 409 16.19 -5.31 -45.36
N LYS B 410 17.46 -5.10 -44.97
CA LYS B 410 18.56 -5.30 -45.90
C LYS B 410 18.68 -6.75 -46.34
N LYS B 411 18.31 -7.70 -45.48
CA LYS B 411 18.41 -9.12 -45.79
C LYS B 411 17.06 -9.81 -45.90
N CYS B 412 16.24 -9.72 -44.86
CA CYS B 412 14.91 -10.31 -44.87
C CYS B 412 13.91 -9.22 -44.54
N LEU B 413 12.68 -9.37 -45.07
CA LEU B 413 11.70 -8.32 -44.89
C LEU B 413 10.84 -8.55 -43.64
N VAL B 414 10.52 -9.80 -43.32
CA VAL B 414 9.75 -10.13 -42.14
C VAL B 414 10.50 -11.20 -41.36
N TYR B 415 10.45 -11.12 -40.02
CA TYR B 415 11.24 -11.97 -39.15
C TYR B 415 10.36 -12.64 -38.11
N GLN B 416 10.87 -13.73 -37.54
CA GLN B 416 10.27 -14.37 -36.38
C GLN B 416 11.33 -14.46 -35.27
N VAL B 417 10.99 -13.95 -34.09
CA VAL B 417 11.85 -14.02 -32.92
C VAL B 417 11.10 -14.71 -31.81
N GLY B 418 11.59 -15.88 -31.39
CA GLY B 418 10.89 -16.65 -30.37
C GLY B 418 9.54 -17.11 -30.88
N ASP B 419 8.50 -16.89 -30.06
CA ASP B 419 7.15 -17.25 -30.40
C ASP B 419 6.52 -16.31 -31.43
N ILE B 420 6.82 -15.02 -31.32
CA ILE B 420 6.14 -14.01 -32.20
C ILE B 420 6.95 -13.74 -33.47
N LEU B 421 6.27 -13.42 -34.57
CA LEU B 421 6.97 -13.03 -35.83
C LEU B 421 6.51 -11.62 -36.21
N ILE B 422 7.47 -10.71 -36.45
CA ILE B 422 7.16 -9.26 -36.71
C ILE B 422 7.80 -8.79 -37.99
N SER B 423 7.21 -7.81 -38.66
CA SER B 423 7.86 -7.20 -39.86
C SER B 423 8.86 -6.20 -39.34
N VAL B 424 9.71 -5.65 -40.20
CA VAL B 424 10.76 -4.74 -39.69
C VAL B 424 11.00 -3.65 -40.72
N GLY B 425 11.55 -2.53 -40.28
CA GLY B 425 11.93 -1.48 -41.19
C GLY B 425 13.33 -1.68 -41.74
N SER B 426 13.94 -0.56 -42.18
CA SER B 426 15.24 -0.58 -42.82
C SER B 426 16.26 0.17 -41.97
N TYR B 427 17.43 -0.45 -41.77
CA TYR B 427 18.53 0.21 -41.08
C TYR B 427 19.22 1.24 -41.97
N LEU B 428 19.12 1.09 -43.29
CA LEU B 428 19.79 1.99 -44.22
C LEU B 428 19.26 3.41 -44.15
N GLY B 429 18.03 3.60 -43.67
CA GLY B 429 17.44 4.92 -43.55
C GLY B 429 17.98 5.71 -42.38
N SER C 22 25.55 13.98 22.55
CA SER C 22 26.51 13.02 22.01
C SER C 22 26.98 13.44 20.62
N LEU C 23 26.04 13.88 19.79
CA LEU C 23 26.39 14.36 18.46
C LEU C 23 27.14 15.67 18.56
N HIS C 24 28.12 15.84 17.66
CA HIS C 24 28.90 17.09 17.59
C HIS C 24 28.17 18.07 16.68
N TYR C 25 27.30 18.87 17.30
CA TYR C 25 26.38 19.70 16.53
C TYR C 25 27.10 20.83 15.78
N ASP C 26 28.20 21.35 16.33
CA ASP C 26 28.90 22.45 15.68
C ASP C 26 29.52 22.02 14.36
N SER C 27 30.24 20.90 14.37
CA SER C 27 30.85 20.40 13.14
C SER C 27 29.78 20.01 12.12
N LEU C 28 28.70 19.39 12.58
CA LEU C 28 27.61 19.02 11.70
C LEU C 28 26.97 20.25 11.06
N SER C 29 26.78 21.32 11.84
CA SER C 29 26.27 22.56 11.28
C SER C 29 27.24 23.15 10.26
N LYS C 30 28.54 23.09 10.55
CA LYS C 30 29.56 23.51 9.59
C LYS C 30 29.55 22.66 8.32
N VAL C 31 29.03 21.44 8.39
CA VAL C 31 28.96 20.55 7.25
C VAL C 31 27.56 20.64 6.66
N GLY C 32 26.63 21.22 7.41
CA GLY C 32 25.29 21.40 6.90
C GLY C 32 24.27 20.44 7.47
N ILE C 33 24.45 20.02 8.72
CA ILE C 33 23.57 19.07 9.38
C ILE C 33 23.06 19.78 10.64
N ILE C 34 21.75 19.84 10.80
CA ILE C 34 21.13 20.72 11.78
C ILE C 34 20.28 19.89 12.73
N LYS C 35 20.45 20.16 14.03
CA LYS C 35 19.65 19.50 15.06
C LYS C 35 18.17 19.80 14.86
N GLY C 36 17.34 18.76 14.91
CA GLY C 36 15.92 18.90 14.78
C GLY C 36 15.19 18.59 16.07
N LEU C 37 13.95 18.12 15.93
CA LEU C 37 13.14 17.77 17.09
C LEU C 37 13.71 16.56 17.81
N THR C 38 13.43 16.48 19.11
CA THR C 38 13.82 15.35 19.94
C THR C 38 12.58 14.64 20.42
N TYR C 39 12.55 13.32 20.27
CA TYR C 39 11.38 12.51 20.57
C TYR C 39 11.69 11.51 21.67
N ASN C 40 10.65 11.12 22.41
CA ASN C 40 10.78 9.97 23.29
C ASN C 40 10.75 8.69 22.47
N TYR C 41 11.03 7.57 23.13
CA TYR C 41 11.13 6.29 22.45
C TYR C 41 10.37 5.24 23.25
N LYS C 42 9.46 4.53 22.60
CA LYS C 42 8.53 3.64 23.28
C LYS C 42 8.54 2.26 22.64
N ILE C 43 8.33 1.23 23.47
CA ILE C 43 8.32 -0.16 23.03
C ILE C 43 7.08 -0.84 23.61
N LYS C 44 6.46 -1.71 22.80
CA LYS C 44 5.36 -2.54 23.27
C LYS C 44 5.78 -3.41 24.44
N GLY C 45 4.90 -3.53 25.44
CA GLY C 45 5.19 -4.37 26.58
C GLY C 45 3.98 -4.59 27.47
N SER C 46 3.91 -5.79 28.04
CA SER C 46 2.87 -6.21 28.97
C SER C 46 1.47 -6.02 28.39
N PRO C 47 1.06 -6.84 27.42
CA PRO C 47 -0.22 -6.59 26.74
C PRO C 47 -1.40 -7.10 27.57
N SER C 48 -2.50 -6.35 27.52
CA SER C 48 -3.77 -6.84 28.02
C SER C 48 -4.65 -7.29 26.85
N THR C 49 -5.41 -8.34 27.09
CA THR C 49 -6.15 -9.01 26.02
C THR C 49 -7.64 -9.00 26.31
N LYS C 50 -8.44 -8.89 25.25
CA LYS C 50 -9.88 -9.01 25.34
C LYS C 50 -10.38 -9.88 24.19
N LEU C 51 -11.52 -10.52 24.41
CA LEU C 51 -12.03 -11.53 23.51
C LEU C 51 -13.01 -10.92 22.51
N MET C 52 -13.05 -11.51 21.31
CA MET C 52 -13.95 -11.07 20.26
C MET C 52 -14.26 -12.25 19.35
N VAL C 53 -15.54 -12.41 19.01
CA VAL C 53 -16.00 -13.53 18.20
C VAL C 53 -16.57 -12.96 16.90
N VAL C 54 -15.95 -13.34 15.78
CA VAL C 54 -16.43 -12.95 14.46
C VAL C 54 -17.24 -14.12 13.92
N LYS C 55 -18.56 -13.98 13.93
CA LYS C 55 -19.44 -15.07 13.51
C LYS C 55 -19.57 -15.03 11.99
N LEU C 56 -19.16 -16.11 11.33
CA LEU C 56 -19.19 -16.19 9.87
C LEU C 56 -20.56 -16.58 9.33
N ILE C 57 -21.29 -17.44 10.04
CA ILE C 57 -22.64 -17.80 9.64
C ILE C 57 -23.62 -16.97 10.44
N PRO C 58 -24.32 -16.03 9.80
CA PRO C 58 -25.18 -15.12 10.57
C PRO C 58 -26.50 -15.75 10.94
N ASN C 59 -27.25 -15.04 11.80
CA ASN C 59 -28.61 -15.40 12.13
C ASN C 59 -29.54 -14.67 11.17
N ILE C 60 -30.32 -15.42 10.39
CA ILE C 60 -31.15 -14.85 9.34
C ILE C 60 -32.62 -15.19 9.54
N ASP C 61 -33.07 -15.26 10.80
CA ASP C 61 -34.41 -15.75 11.10
C ASP C 61 -35.51 -14.92 10.44
N GLY C 62 -35.25 -13.64 10.18
CA GLY C 62 -36.25 -12.80 9.54
C GLY C 62 -36.53 -13.16 8.09
N VAL C 63 -35.51 -13.62 7.37
CA VAL C 63 -35.62 -13.93 5.95
C VAL C 63 -35.28 -15.39 5.66
N ARG C 64 -35.58 -16.28 6.61
CA ARG C 64 -35.16 -17.68 6.49
C ARG C 64 -35.87 -18.40 5.35
N ASN C 65 -37.10 -17.99 5.03
CA ASN C 65 -37.89 -18.72 4.04
C ASN C 65 -37.34 -18.52 2.63
N CYS C 66 -36.99 -17.29 2.27
CA CYS C 66 -36.59 -16.98 0.90
C CYS C 66 -35.10 -17.19 0.64
N THR C 67 -34.32 -17.51 1.67
CA THR C 67 -32.88 -17.64 1.53
C THR C 67 -32.44 -19.11 1.66
N GLN C 68 -33.35 -20.06 1.46
CA GLN C 68 -33.06 -21.46 1.76
C GLN C 68 -31.93 -22.00 0.87
N LYS C 69 -31.99 -21.71 -0.43
CA LYS C 69 -30.99 -22.28 -1.34
C LYS C 69 -29.61 -21.68 -1.10
N GLN C 70 -29.54 -20.35 -0.94
CA GLN C 70 -28.25 -19.69 -0.82
C GLN C 70 -27.61 -19.92 0.54
N PHE C 71 -28.42 -20.15 1.57
CA PHE C 71 -27.87 -20.29 2.92
C PHE C 71 -27.14 -21.62 3.08
N ASP C 72 -27.67 -22.69 2.49
CA ASP C 72 -26.97 -23.98 2.56
C ASP C 72 -25.65 -23.92 1.80
N GLU C 73 -25.66 -23.26 0.63
CA GLU C 73 -24.41 -23.08 -0.12
C GLU C 73 -23.40 -22.26 0.67
N TYR C 74 -23.86 -21.21 1.35
CA TYR C 74 -22.96 -20.41 2.16
C TYR C 74 -22.42 -21.20 3.34
N LYS C 75 -23.25 -22.05 3.95
CA LYS C 75 -22.78 -22.91 5.03
C LYS C 75 -21.71 -23.86 4.55
N ASN C 76 -21.91 -24.47 3.40
CA ASN C 76 -20.90 -25.37 2.85
C ASN C 76 -19.61 -24.62 2.53
N LEU C 77 -19.72 -23.42 1.98
CA LEU C 77 -18.54 -22.63 1.66
C LEU C 77 -17.78 -22.22 2.93
N VAL C 78 -18.50 -21.90 4.00
CA VAL C 78 -17.85 -21.53 5.25
C VAL C 78 -17.16 -22.74 5.86
N LYS C 79 -17.82 -23.90 5.82
CA LYS C 79 -17.20 -25.12 6.35
C LYS C 79 -15.94 -25.48 5.58
N ASN C 80 -15.98 -25.36 4.26
CA ASN C 80 -14.83 -25.72 3.43
C ASN C 80 -13.63 -24.80 3.67
N VAL C 81 -13.85 -23.61 4.23
CA VAL C 81 -12.73 -22.72 4.51
C VAL C 81 -12.35 -22.74 5.99
N LEU C 82 -13.23 -23.22 6.86
CA LEU C 82 -12.90 -23.26 8.28
C LEU C 82 -12.35 -24.60 8.73
N GLU C 83 -12.62 -25.68 7.99
CA GLU C 83 -12.06 -26.98 8.37
C GLU C 83 -10.54 -27.01 8.37
N PRO C 84 -9.81 -26.54 7.34
CA PRO C 84 -8.35 -26.51 7.45
C PRO C 84 -7.84 -25.65 8.59
N VAL C 85 -8.53 -24.56 8.93
CA VAL C 85 -8.10 -23.71 10.03
C VAL C 85 -8.17 -24.46 11.36
N LYS C 86 -9.27 -25.16 11.61
CA LYS C 86 -9.39 -25.94 12.83
C LYS C 86 -8.41 -27.10 12.84
N LEU C 87 -8.15 -27.69 11.67
CA LEU C 87 -7.16 -28.76 11.60
C LEU C 87 -5.78 -28.26 11.97
N ALA C 88 -5.42 -27.07 11.47
CA ALA C 88 -4.11 -26.50 11.80
C ALA C 88 -4.03 -26.09 13.26
N LEU C 89 -5.13 -25.60 13.83
CA LEU C 89 -5.13 -25.26 15.25
C LEU C 89 -4.98 -26.50 16.12
N ASN C 90 -5.65 -27.59 15.75
CA ASN C 90 -5.55 -28.82 16.53
C ASN C 90 -4.15 -29.44 16.38
N ALA C 91 -3.56 -29.35 15.19
CA ALA C 91 -2.21 -29.84 14.99
C ALA C 91 -1.18 -29.07 15.80
N MET C 92 -1.50 -27.86 16.24
CA MET C 92 -0.64 -27.08 17.13
C MET C 92 -0.94 -27.36 18.60
N LEU C 93 -2.23 -27.50 18.94
CA LEU C 93 -2.59 -27.78 20.33
C LEU C 93 -2.12 -29.16 20.76
N ASP C 94 -2.21 -30.13 19.85
CA ASP C 94 -1.81 -31.53 20.19
C ASP C 94 -0.32 -31.56 20.56
N ASN C 95 0.50 -30.76 19.87
CA ASN C 95 1.97 -30.75 20.13
C ASN C 95 2.22 -30.37 21.59
N VAL C 96 1.54 -29.34 22.08
CA VAL C 96 1.75 -28.88 23.49
C VAL C 96 1.00 -29.84 24.43
N LYS C 97 -0.30 -30.07 24.16
CA LYS C 97 -1.11 -30.95 25.06
C LYS C 97 -0.32 -32.24 25.29
N SER C 98 0.38 -32.72 24.26
CA SER C 98 1.10 -34.00 24.40
C SER C 98 1.97 -33.89 25.64
N CYS C 99 2.89 -32.93 25.64
CA CYS C 99 3.81 -32.82 26.79
C CYS C 99 3.13 -32.02 27.91
N CYS C 109 4.69 -27.14 27.54
CA CYS C 109 5.96 -27.54 26.88
C CYS C 109 5.70 -28.00 25.45
N MET C 110 6.14 -27.21 24.46
CA MET C 110 6.00 -27.60 23.05
C MET C 110 6.83 -28.86 22.82
N ALA C 111 6.32 -29.81 22.03
CA ALA C 111 7.13 -31.02 21.73
C ALA C 111 8.01 -30.73 20.53
N GLY C 112 9.32 -30.66 20.73
CA GLY C 112 10.24 -30.31 19.63
C GLY C 112 10.32 -31.39 18.58
N VAL C 113 9.77 -32.57 18.86
CA VAL C 113 9.77 -33.65 17.88
C VAL C 113 8.58 -33.54 16.95
N ALA C 114 7.39 -33.26 17.50
CA ALA C 114 6.20 -33.18 16.67
C ALA C 114 6.28 -32.02 15.67
N LEU C 115 6.80 -30.87 16.10
CA LEU C 115 6.91 -29.74 15.20
C LEU C 115 7.95 -29.98 14.11
N GLY C 116 9.11 -30.50 14.47
CA GLY C 116 10.18 -30.67 13.51
C GLY C 116 10.98 -29.41 13.31
N VAL C 117 10.38 -28.39 12.71
CA VAL C 117 11.06 -27.13 12.43
C VAL C 117 10.10 -25.98 12.70
N ALA C 118 10.64 -24.89 13.25
CA ALA C 118 9.92 -23.64 13.51
C ALA C 118 10.91 -22.63 14.05
N THR C 119 10.53 -21.35 13.97
CA THR C 119 11.30 -20.30 14.59
C THR C 119 10.81 -20.05 16.01
N ALA C 120 11.53 -19.18 16.73
CA ALA C 120 11.18 -18.90 18.12
C ALA C 120 9.81 -18.27 18.24
N ALA C 121 9.45 -17.37 17.32
CA ALA C 121 8.14 -16.73 17.37
C ALA C 121 7.02 -17.74 17.22
N THR C 122 7.20 -18.74 16.36
CA THR C 122 6.15 -19.75 16.16
C THR C 122 5.95 -20.59 17.43
N VAL C 123 7.04 -21.00 18.08
CA VAL C 123 6.90 -21.80 19.30
C VAL C 123 6.28 -20.98 20.42
N THR C 124 6.69 -19.71 20.54
CA THR C 124 6.10 -18.84 21.54
C THR C 124 4.61 -18.63 21.28
N ALA C 125 4.23 -18.45 20.02
CA ALA C 125 2.83 -18.29 19.67
C ALA C 125 2.03 -19.56 19.95
N GLY C 126 2.62 -20.72 19.70
CA GLY C 126 1.93 -21.97 20.03
C GLY C 126 1.72 -22.14 21.51
N ILE C 127 2.72 -21.78 22.32
CA ILE C 127 2.56 -21.87 23.77
C ILE C 127 1.50 -20.87 24.26
N ALA C 128 1.50 -19.66 23.69
CA ALA C 128 0.46 -18.69 24.04
C ALA C 128 -0.93 -19.18 23.64
N LEU C 129 -1.02 -19.85 22.50
CA LEU C 129 -2.30 -20.41 22.06
C LEU C 129 -2.78 -21.49 23.01
N HIS C 130 -1.86 -22.35 23.48
CA HIS C 130 -2.27 -23.36 24.46
C HIS C 130 -2.70 -22.72 25.77
N ARG C 131 -2.01 -21.64 26.18
CA ARG C 131 -2.44 -20.95 27.40
C ARG C 131 -3.81 -20.30 27.21
N SER C 132 -4.12 -19.87 26.00
CA SER C 132 -5.40 -19.25 25.69
C SER C 132 -6.50 -20.26 25.37
N ASN C 133 -6.16 -21.55 25.29
CA ASN C 133 -7.17 -22.58 25.09
C ASN C 133 -8.23 -22.58 26.18
N GLU C 134 -7.91 -22.11 27.39
CA GLU C 134 -8.93 -21.99 28.43
C GLU C 134 -10.00 -20.98 28.05
N ASN C 135 -9.59 -19.80 27.57
CA ASN C 135 -10.57 -18.83 27.09
C ASN C 135 -11.28 -19.35 25.84
N ALA C 136 -10.60 -20.17 25.04
CA ALA C 136 -11.25 -20.77 23.88
C ALA C 136 -12.39 -21.68 24.32
N GLN C 137 -12.17 -22.51 25.33
CA GLN C 137 -13.23 -23.35 25.87
C GLN C 137 -14.33 -22.53 26.51
N ALA C 138 -13.98 -21.45 27.19
CA ALA C 138 -14.99 -20.57 27.77
C ALA C 138 -15.87 -19.95 26.69
N ILE C 139 -15.27 -19.56 25.56
CA ILE C 139 -16.04 -19.05 24.44
C ILE C 139 -16.95 -20.14 23.88
N ALA C 140 -16.41 -21.34 23.71
CA ALA C 140 -17.21 -22.45 23.18
C ALA C 140 -18.36 -22.82 24.10
N ASN C 141 -18.25 -22.54 25.40
CA ASN C 141 -19.35 -22.80 26.31
C ASN C 141 -20.58 -21.93 26.00
N MET C 142 -20.37 -20.78 25.38
CA MET C 142 -21.45 -19.85 25.07
C MET C 142 -21.95 -19.99 23.63
N LYS C 143 -21.94 -21.20 23.09
CA LYS C 143 -22.23 -21.41 21.67
C LYS C 143 -23.66 -21.02 21.33
N ASN C 144 -24.63 -21.44 22.14
CA ASN C 144 -26.03 -21.14 21.86
C ASN C 144 -26.30 -19.64 21.96
N ALA C 145 -25.73 -18.98 22.97
CA ALA C 145 -25.92 -17.54 23.11
C ALA C 145 -25.25 -16.78 21.95
N ILE C 146 -24.11 -17.28 21.48
CA ILE C 146 -23.47 -16.65 20.32
C ILE C 146 -24.34 -16.81 19.08
N GLN C 147 -24.90 -18.00 18.88
CA GLN C 147 -25.76 -18.23 17.71
C GLN C 147 -27.03 -17.40 17.77
N ASN C 148 -27.58 -17.19 18.97
CA ASN C 148 -28.86 -16.51 19.11
C ASN C 148 -28.73 -14.98 19.05
N THR C 149 -27.53 -14.44 18.87
CA THR C 149 -27.38 -13.00 18.73
C THR C 149 -28.10 -12.52 17.47
N ASN C 150 -28.92 -11.49 17.59
CA ASN C 150 -29.77 -11.03 16.50
C ASN C 150 -29.58 -9.56 16.19
N GLU C 151 -28.38 -9.03 16.43
CA GLU C 151 -28.06 -7.65 16.06
C GLU C 151 -26.58 -7.56 15.75
N ALA C 152 -26.16 -6.39 15.26
CA ALA C 152 -24.83 -6.25 14.67
C ALA C 152 -23.73 -6.53 15.67
N VAL C 153 -23.75 -5.87 16.83
CA VAL C 153 -22.74 -6.06 17.85
C VAL C 153 -23.44 -6.28 19.19
N LYS C 154 -23.07 -7.36 19.88
CA LYS C 154 -23.64 -7.68 21.18
C LYS C 154 -22.51 -8.10 22.11
N GLN C 155 -22.62 -7.70 23.37
CA GLN C 155 -21.66 -8.03 24.41
C GLN C 155 -22.27 -9.07 25.33
N LEU C 156 -21.57 -10.20 25.49
CA LEU C 156 -22.06 -11.32 26.29
C LEU C 156 -21.21 -11.49 27.53
N GLN C 157 -21.86 -11.75 28.66
CA GLN C 157 -21.16 -12.02 29.91
C GLN C 157 -20.68 -13.47 29.92
N LEU C 158 -19.36 -13.65 29.92
CA LEU C 158 -18.77 -14.98 29.88
C LEU C 158 -18.81 -15.62 31.26
N ALA C 159 -18.62 -16.94 31.30
CA ALA C 159 -18.67 -17.66 32.56
C ALA C 159 -17.53 -17.26 33.50
N ASN C 160 -16.39 -16.85 32.94
CA ASN C 160 -15.26 -16.41 33.74
C ASN C 160 -15.36 -14.96 34.17
N LYS C 161 -16.56 -14.38 34.16
CA LYS C 161 -16.82 -12.95 34.38
C LYS C 161 -16.14 -12.06 33.35
N GLN C 162 -15.67 -12.64 32.24
CA GLN C 162 -15.14 -11.85 31.15
C GLN C 162 -16.26 -11.38 30.23
N THR C 163 -15.89 -10.56 29.26
CA THR C 163 -16.83 -10.05 28.26
C THR C 163 -16.23 -10.21 26.88
N LEU C 164 -17.08 -10.63 25.93
CA LEU C 164 -16.66 -10.82 24.55
C LEU C 164 -17.63 -10.12 23.61
N ALA C 165 -17.13 -9.72 22.45
CA ALA C 165 -17.92 -9.00 21.46
C ALA C 165 -18.28 -9.92 20.31
N VAL C 166 -19.56 -9.97 19.97
CA VAL C 166 -20.04 -10.76 18.85
C VAL C 166 -20.25 -9.84 17.66
N ILE C 167 -19.76 -10.24 16.49
CA ILE C 167 -19.87 -9.47 15.27
C ILE C 167 -20.80 -10.20 14.31
N ASP C 168 -21.81 -9.50 13.83
CA ASP C 168 -22.87 -10.10 13.02
C ASP C 168 -23.13 -9.21 11.80
N THR C 169 -22.06 -8.90 11.07
CA THR C 169 -22.09 -7.85 10.04
C THR C 169 -23.25 -8.03 9.06
N ILE C 170 -23.54 -9.28 8.69
CA ILE C 170 -24.65 -9.54 7.78
C ILE C 170 -25.98 -9.16 8.43
N ARG C 171 -26.13 -9.44 9.73
CA ARG C 171 -27.36 -9.07 10.42
C ARG C 171 -27.57 -7.56 10.46
N GLY C 172 -26.48 -6.79 10.52
CA GLY C 172 -26.62 -5.36 10.37
C GLY C 172 -27.13 -4.97 9.00
N GLU C 173 -26.56 -5.58 7.95
CA GLU C 173 -27.02 -5.32 6.59
C GLU C 173 -28.48 -5.72 6.42
N ILE C 174 -28.87 -6.87 6.97
CA ILE C 174 -30.25 -7.31 6.87
C ILE C 174 -31.17 -6.33 7.59
N ASN C 175 -30.88 -6.04 8.85
CA ASN C 175 -31.72 -5.16 9.65
C ASN C 175 -31.79 -3.74 9.10
N ASN C 176 -30.80 -3.31 8.32
CA ASN C 176 -30.83 -1.97 7.76
C ASN C 176 -31.41 -1.90 6.36
N ASN C 177 -31.31 -2.97 5.56
CA ASN C 177 -31.65 -2.88 4.15
C ASN C 177 -32.81 -3.77 3.71
N ILE C 178 -33.17 -4.81 4.45
CA ILE C 178 -34.17 -5.78 4.03
C ILE C 178 -35.38 -5.76 4.94
N ILE C 179 -35.17 -5.75 6.26
CA ILE C 179 -36.29 -5.72 7.20
C ILE C 179 -37.15 -4.47 7.06
N PRO C 180 -36.60 -3.25 6.95
CA PRO C 180 -37.48 -2.08 6.78
C PRO C 180 -38.31 -2.09 5.50
N VAL C 181 -37.91 -2.83 4.47
CA VAL C 181 -38.63 -2.90 3.22
C VAL C 181 -39.07 -4.33 2.91
N ILE C 182 -39.37 -5.12 3.94
CA ILE C 182 -39.67 -6.53 3.75
C ILE C 182 -41.01 -6.72 3.03
N ASN C 183 -41.91 -5.74 3.13
CA ASN C 183 -43.20 -5.87 2.47
C ASN C 183 -43.11 -5.63 0.97
N GLN C 184 -42.24 -4.72 0.53
CA GLN C 184 -42.16 -4.35 -0.88
C GLN C 184 -41.45 -5.40 -1.73
N LEU C 185 -40.41 -6.02 -1.19
CA LEU C 185 -39.61 -6.95 -1.98
C LEU C 185 -40.33 -8.28 -2.17
N SER C 186 -40.21 -8.87 -3.35
CA SER C 186 -40.71 -10.21 -3.58
C SER C 186 -39.74 -11.23 -3.01
N CYS C 187 -40.21 -12.48 -2.87
CA CYS C 187 -39.44 -13.51 -2.21
C CYS C 187 -38.16 -13.84 -2.98
N ASP C 188 -38.24 -13.91 -4.31
CA ASP C 188 -37.06 -14.19 -5.10
C ASP C 188 -36.04 -13.07 -5.01
N THR C 189 -36.52 -11.82 -5.01
CA THR C 189 -35.62 -10.68 -4.87
C THR C 189 -34.91 -10.67 -3.52
N ILE C 190 -35.62 -11.03 -2.45
CA ILE C 190 -34.99 -11.13 -1.14
C ILE C 190 -33.89 -12.17 -1.16
N GLY C 191 -34.17 -13.34 -1.75
CA GLY C 191 -33.17 -14.38 -1.82
C GLY C 191 -31.94 -13.95 -2.60
N LEU C 192 -32.14 -13.31 -3.75
CA LEU C 192 -31.01 -12.84 -4.55
C LEU C 192 -30.19 -11.80 -3.81
N SER C 193 -30.87 -10.85 -3.15
CA SER C 193 -30.16 -9.79 -2.43
C SER C 193 -29.37 -10.34 -1.27
N VAL C 194 -29.97 -11.24 -0.49
CA VAL C 194 -29.25 -11.83 0.64
C VAL C 194 -28.11 -12.72 0.16
N GLY C 195 -28.28 -13.40 -0.97
CA GLY C 195 -27.16 -14.15 -1.54
C GLY C 195 -26.01 -13.25 -1.94
N ILE C 196 -26.31 -12.11 -2.54
CA ILE C 196 -25.27 -11.14 -2.89
C ILE C 196 -24.59 -10.62 -1.62
N LYS C 197 -25.37 -10.35 -0.57
CA LYS C 197 -24.79 -9.86 0.68
C LYS C 197 -23.87 -10.90 1.30
N LEU C 198 -24.29 -12.17 1.31
CA LEU C 198 -23.47 -13.23 1.88
C LEU C 198 -22.19 -13.41 1.08
N THR C 199 -22.30 -13.33 -0.25
CA THR C 199 -21.12 -13.40 -1.12
C THR C 199 -20.17 -12.24 -0.83
N GLN C 200 -20.72 -11.04 -0.62
CA GLN C 200 -19.90 -9.88 -0.32
C GLN C 200 -19.17 -10.05 1.01
N TYR C 201 -19.87 -10.57 2.03
CA TYR C 201 -19.23 -10.77 3.32
C TYR C 201 -18.16 -11.84 3.25
N TYR C 202 -18.41 -12.92 2.50
CA TYR C 202 -17.39 -13.95 2.33
C TYR C 202 -16.17 -13.38 1.63
N SER C 203 -16.37 -12.54 0.62
CA SER C 203 -15.25 -11.90 -0.07
C SER C 203 -14.46 -11.01 0.87
N GLU C 204 -15.16 -10.24 1.71
CA GLU C 204 -14.46 -9.36 2.64
C GLU C 204 -13.68 -10.16 3.69
N ILE C 205 -14.25 -11.29 4.12
CA ILE C 205 -13.54 -12.16 5.07
C ILE C 205 -12.27 -12.73 4.42
N LEU C 206 -12.39 -13.19 3.18
CA LEU C 206 -11.22 -13.69 2.47
C LEU C 206 -10.17 -12.61 2.22
N THR C 207 -10.60 -11.35 2.10
CA THR C 207 -9.64 -10.27 1.92
C THR C 207 -8.86 -9.98 3.21
N ALA C 208 -9.56 -9.93 4.34
CA ALA C 208 -8.94 -9.50 5.59
C ALA C 208 -8.31 -10.67 6.34
N PHE C 209 -9.06 -11.77 6.50
CA PHE C 209 -8.58 -12.92 7.26
C PHE C 209 -7.82 -13.91 6.40
N GLY C 210 -7.58 -13.60 5.13
CA GLY C 210 -6.92 -14.49 4.20
C GLY C 210 -5.58 -15.04 4.67
N PRO C 211 -4.62 -14.16 4.96
CA PRO C 211 -3.33 -14.63 5.48
C PRO C 211 -3.43 -15.31 6.83
N ALA C 212 -4.50 -15.09 7.59
CA ALA C 212 -4.66 -15.71 8.90
C ALA C 212 -5.20 -17.14 8.79
N LEU C 213 -6.18 -17.36 7.91
CA LEU C 213 -6.78 -18.69 7.79
C LEU C 213 -5.80 -19.69 7.20
N GLN C 214 -4.76 -19.21 6.51
CA GLN C 214 -3.74 -20.09 5.95
C GLN C 214 -2.57 -20.30 6.91
N ASN C 215 -2.53 -19.58 8.04
CA ASN C 215 -1.46 -19.68 9.01
C ASN C 215 -1.97 -19.13 10.34
N PRO C 216 -2.82 -19.88 11.07
CA PRO C 216 -3.51 -19.29 12.21
C PRO C 216 -2.61 -19.01 13.40
N VAL C 217 -1.58 -19.82 13.63
CA VAL C 217 -0.81 -19.69 14.87
C VAL C 217 0.14 -18.49 14.82
N ASN C 218 0.53 -18.06 13.63
CA ASN C 218 1.53 -17.00 13.51
C ASN C 218 0.94 -15.66 13.13
N THR C 219 -0.08 -15.65 12.27
CA THR C 219 -0.57 -14.40 11.71
C THR C 219 -1.30 -13.57 12.75
N ARG C 220 -0.95 -12.29 12.83
CA ARG C 220 -1.61 -11.33 13.69
C ARG C 220 -2.23 -10.25 12.81
N ILE C 221 -3.47 -9.88 13.11
CA ILE C 221 -4.25 -8.95 12.29
C ILE C 221 -4.50 -7.68 13.09
N THR C 222 -4.21 -6.54 12.49
CA THR C 222 -4.47 -5.26 13.14
C THR C 222 -5.97 -5.03 13.25
N ILE C 223 -6.35 -4.15 14.18
CA ILE C 223 -7.77 -3.92 14.46
C ILE C 223 -8.46 -3.24 13.28
N GLN C 224 -7.73 -2.46 12.49
CA GLN C 224 -8.32 -1.88 11.29
C GLN C 224 -8.61 -2.95 10.26
N ALA C 225 -7.67 -3.87 10.05
CA ALA C 225 -7.89 -4.96 9.10
C ALA C 225 -9.00 -5.88 9.56
N ILE C 226 -9.10 -6.12 10.87
CA ILE C 226 -10.21 -6.90 11.41
C ILE C 226 -11.53 -6.18 11.18
N SER C 227 -11.53 -4.87 11.43
CA SER C 227 -12.74 -4.07 11.25
C SER C 227 -13.15 -3.94 9.79
N SER C 228 -12.23 -4.19 8.86
CA SER C 228 -12.58 -4.11 7.44
C SER C 228 -13.69 -5.06 7.05
N VAL C 229 -13.93 -6.13 7.82
CA VAL C 229 -15.09 -6.98 7.60
C VAL C 229 -16.35 -6.41 8.25
N PHE C 230 -16.22 -5.32 9.00
CA PHE C 230 -17.34 -4.70 9.69
C PHE C 230 -17.41 -3.23 9.26
N ASN C 231 -17.33 -3.01 7.95
CA ASN C 231 -17.41 -1.71 7.30
C ASN C 231 -16.33 -0.75 7.74
N ARG C 232 -15.15 -1.25 8.11
CA ARG C 232 -14.03 -0.44 8.59
C ARG C 232 -14.40 0.43 9.78
N ASN C 233 -15.28 -0.08 10.64
CA ASN C 233 -15.76 0.62 11.83
C ASN C 233 -15.01 0.19 13.08
N PHE C 234 -13.70 0.48 13.15
CA PHE C 234 -12.93 0.02 14.30
C PHE C 234 -13.28 0.78 15.57
N ASP C 235 -13.84 1.98 15.44
CA ASP C 235 -14.28 2.72 16.62
C ASP C 235 -15.39 1.97 17.35
N GLU C 236 -16.32 1.36 16.61
CA GLU C 236 -17.37 0.58 17.24
C GLU C 236 -16.81 -0.67 17.91
N LEU C 237 -15.80 -1.30 17.31
CA LEU C 237 -15.18 -2.46 17.93
C LEU C 237 -14.49 -2.08 19.22
N LEU C 238 -13.77 -0.96 19.22
CA LEU C 238 -13.09 -0.53 20.44
C LEU C 238 -14.08 -0.11 21.51
N LYS C 239 -15.18 0.54 21.10
CA LYS C 239 -16.15 1.05 22.07
C LYS C 239 -16.83 -0.09 22.83
N ILE C 240 -17.22 -1.15 22.12
CA ILE C 240 -17.94 -2.24 22.77
C ILE C 240 -17.02 -3.05 23.68
N MET C 241 -15.72 -3.01 23.45
CA MET C 241 -14.78 -3.69 24.33
C MET C 241 -14.24 -2.78 25.43
N GLY C 242 -14.76 -1.55 25.55
CA GLY C 242 -14.52 -0.73 26.71
C GLY C 242 -13.59 0.45 26.52
N TYR C 243 -13.10 0.68 25.31
CA TYR C 243 -12.10 1.71 25.06
C TYR C 243 -12.63 2.74 24.06
N THR C 244 -12.44 4.02 24.37
CA THR C 244 -12.80 5.08 23.43
C THR C 244 -11.66 5.32 22.45
N SER C 245 -11.98 5.34 21.15
CA SER C 245 -10.96 5.35 20.12
C SER C 245 -10.06 6.57 20.15
N GLY C 246 -10.55 7.70 20.68
CA GLY C 246 -9.72 8.89 20.75
C GLY C 246 -8.71 8.87 21.88
N ASP C 247 -8.77 7.86 22.76
CA ASP C 247 -7.91 7.83 23.92
C ASP C 247 -6.64 7.01 23.67
N LEU C 248 -6.74 5.94 22.91
CA LEU C 248 -5.61 5.04 22.68
C LEU C 248 -4.84 5.36 21.42
N TYR C 249 -4.84 6.61 20.95
CA TYR C 249 -4.39 6.88 19.60
C TYR C 249 -2.90 6.60 19.43
N GLU C 250 -2.12 6.70 20.50
CA GLU C 250 -0.70 6.36 20.39
C GLU C 250 -0.50 4.87 20.12
N ILE C 251 -1.42 4.03 20.58
CA ILE C 251 -1.34 2.60 20.30
C ILE C 251 -2.00 2.27 18.96
N LEU C 252 -3.16 2.86 18.72
CA LEU C 252 -3.95 2.55 17.53
C LEU C 252 -3.25 3.03 16.26
N HIS C 253 -2.61 4.19 16.31
CA HIS C 253 -1.97 4.75 15.13
C HIS C 253 -0.82 3.88 14.63
N SER C 254 -0.03 3.33 15.55
CA SER C 254 1.12 2.51 15.17
C SER C 254 0.74 1.07 14.83
N GLY C 255 -0.56 0.74 14.86
CA GLY C 255 -0.98 -0.62 14.58
C GLY C 255 -0.57 -1.65 15.60
N LEU C 256 -0.58 -1.30 16.89
CA LEU C 256 -0.23 -2.24 17.94
C LEU C 256 -1.43 -2.97 18.52
N ILE C 257 -2.64 -2.65 18.09
CA ILE C 257 -3.82 -3.38 18.52
C ILE C 257 -4.02 -4.57 17.58
N ARG C 258 -3.35 -5.68 17.88
CA ARG C 258 -3.35 -6.82 17.00
C ARG C 258 -4.48 -7.79 17.37
N GLY C 259 -4.65 -8.80 16.52
CA GLY C 259 -5.62 -9.85 16.78
C GLY C 259 -5.08 -11.19 16.33
N ASN C 260 -5.36 -12.21 17.13
CA ASN C 260 -4.86 -13.55 16.87
C ASN C 260 -5.98 -14.56 16.99
N ILE C 261 -5.96 -15.57 16.13
CA ILE C 261 -7.00 -16.59 16.12
C ILE C 261 -6.86 -17.46 17.37
N ILE C 262 -7.97 -17.68 18.07
CA ILE C 262 -7.95 -18.41 19.33
C ILE C 262 -8.69 -19.74 19.22
N ASP C 263 -9.75 -19.79 18.42
CA ASP C 263 -10.60 -20.97 18.33
C ASP C 263 -11.51 -20.82 17.12
N VAL C 264 -11.74 -21.94 16.44
CA VAL C 264 -12.62 -21.99 15.28
C VAL C 264 -13.58 -23.15 15.44
N ASP C 265 -14.87 -22.89 15.23
CA ASP C 265 -15.91 -23.92 15.28
C ASP C 265 -16.51 -24.02 13.89
N VAL C 266 -16.28 -25.15 13.23
CA VAL C 266 -16.68 -25.29 11.82
C VAL C 266 -18.18 -25.49 11.66
N GLU C 267 -18.88 -25.98 12.67
CA GLU C 267 -20.32 -26.19 12.58
C GLU C 267 -21.12 -24.97 13.01
N ALA C 268 -20.74 -24.33 14.10
CA ALA C 268 -21.37 -23.07 14.49
C ALA C 268 -20.95 -21.91 13.61
N GLY C 269 -19.81 -22.04 12.91
CA GLY C 269 -19.39 -21.05 11.95
C GLY C 269 -18.95 -19.73 12.55
N TYR C 270 -17.86 -19.74 13.31
CA TYR C 270 -17.29 -18.50 13.82
C TYR C 270 -15.79 -18.68 14.01
N ILE C 271 -15.07 -17.58 13.91
CA ILE C 271 -13.66 -17.51 14.28
C ILE C 271 -13.54 -16.50 15.41
N ALA C 272 -12.97 -16.94 16.53
CA ALA C 272 -12.84 -16.07 17.69
C ALA C 272 -11.41 -15.55 17.79
N LEU C 273 -11.27 -14.32 18.25
CA LEU C 273 -9.98 -13.64 18.26
C LEU C 273 -9.69 -13.08 19.65
N GLU C 274 -8.42 -13.09 20.02
CA GLU C 274 -7.95 -12.43 21.23
C GLU C 274 -7.19 -11.17 20.82
N ILE C 275 -7.74 -10.01 21.16
CA ILE C 275 -7.22 -8.72 20.70
C ILE C 275 -6.41 -8.10 21.82
N GLU C 276 -5.18 -7.71 21.52
CA GLU C 276 -4.27 -7.16 22.51
C GLU C 276 -4.45 -5.65 22.63
N PHE C 277 -4.20 -5.13 23.83
CA PHE C 277 -4.14 -3.69 24.08
C PHE C 277 -2.87 -3.42 24.87
N PRO C 278 -1.71 -3.43 24.20
CA PRO C 278 -0.44 -3.40 24.93
C PRO C 278 -0.19 -2.05 25.58
N ASN C 279 0.55 -2.10 26.69
CA ASN C 279 1.06 -0.89 27.32
C ASN C 279 2.38 -0.50 26.66
N LEU C 280 2.71 0.79 26.75
CA LEU C 280 3.94 1.31 26.17
C LEU C 280 4.88 1.72 27.29
N THR C 281 6.10 1.19 27.24
CA THR C 281 7.10 1.45 28.26
C THR C 281 8.16 2.41 27.72
N LEU C 282 8.47 3.43 28.50
CA LEU C 282 9.52 4.38 28.13
C LEU C 282 10.89 3.72 28.28
N VAL C 283 11.63 3.65 27.19
CA VAL C 283 12.97 3.06 27.26
C VAL C 283 13.86 3.93 28.14
N PRO C 284 14.57 3.36 29.12
CA PRO C 284 15.30 4.20 30.07
C PRO C 284 16.46 4.94 29.41
N ASN C 285 16.43 6.27 29.53
CA ASN C 285 17.52 7.15 29.09
C ASN C 285 17.86 6.94 27.61
N ALA C 286 16.82 6.86 26.78
CA ALA C 286 16.98 6.74 25.34
C ALA C 286 16.11 7.76 24.63
N VAL C 287 16.71 8.52 23.72
CA VAL C 287 16.00 9.53 22.94
C VAL C 287 16.27 9.28 21.46
N VAL C 288 15.40 9.82 20.62
CA VAL C 288 15.53 9.74 19.17
C VAL C 288 15.69 11.15 18.64
N GLN C 289 16.79 11.39 17.95
CA GLN C 289 17.15 12.73 17.47
C GLN C 289 16.92 12.82 15.98
N GLU C 290 16.24 13.88 15.55
CA GLU C 290 16.02 14.13 14.13
C GLU C 290 17.10 15.07 13.59
N LEU C 291 17.59 14.75 12.41
CA LEU C 291 18.59 15.55 11.72
C LEU C 291 18.01 16.09 10.43
N MET C 292 18.17 17.40 10.21
CA MET C 292 17.61 18.05 9.04
C MET C 292 18.74 18.47 8.10
N PRO C 293 18.78 17.96 6.87
CA PRO C 293 19.89 18.28 5.97
C PRO C 293 19.74 19.65 5.32
N ILE C 294 20.88 20.29 5.11
CA ILE C 294 20.95 21.62 4.52
C ILE C 294 22.04 21.63 3.45
N SER C 295 21.70 22.15 2.28
CA SER C 295 22.69 22.29 1.22
C SER C 295 23.76 23.31 1.63
N TYR C 296 25.01 22.96 1.36
CA TYR C 296 26.13 23.82 1.69
C TYR C 296 27.04 23.95 0.48
N ASN C 297 27.70 25.11 0.37
CA ASN C 297 28.47 25.41 -0.82
C ASN C 297 29.93 25.10 -0.58
N VAL C 298 30.57 24.48 -1.57
CA VAL C 298 32.03 24.32 -1.62
C VAL C 298 32.45 24.80 -3.00
N ASP C 299 33.12 25.96 -3.05
CA ASP C 299 33.58 26.58 -4.29
C ASP C 299 32.45 26.76 -5.29
N GLY C 300 31.28 27.20 -4.80
CA GLY C 300 30.16 27.52 -5.65
C GLY C 300 29.19 26.38 -5.90
N ASP C 301 29.56 25.14 -5.56
CA ASP C 301 28.70 24.01 -5.86
C ASP C 301 27.89 23.60 -4.64
N GLU C 302 26.64 23.17 -4.88
CA GLU C 302 25.76 22.76 -3.80
C GLU C 302 25.98 21.29 -3.47
N TRP C 303 26.05 20.98 -2.18
CA TRP C 303 26.24 19.62 -1.70
C TRP C 303 25.30 19.35 -0.53
N VAL C 304 24.81 18.11 -0.44
CA VAL C 304 23.99 17.66 0.67
C VAL C 304 24.69 16.48 1.33
N THR C 305 24.78 16.53 2.66
CA THR C 305 25.39 15.45 3.43
C THR C 305 24.34 14.37 3.69
N LEU C 306 24.71 13.11 3.42
CA LEU C 306 23.78 11.99 3.49
C LEU C 306 23.90 11.30 4.84
N VAL C 307 22.88 11.47 5.68
CA VAL C 307 22.81 10.84 6.99
C VAL C 307 21.40 10.31 7.19
N PRO C 308 21.23 9.33 8.07
CA PRO C 308 19.87 8.96 8.48
C PRO C 308 19.16 10.15 9.12
N ARG C 309 17.87 10.27 8.83
CA ARG C 309 17.11 11.39 9.36
C ARG C 309 16.78 11.21 10.85
N PHE C 310 16.85 9.99 11.37
CA PHE C 310 16.61 9.72 12.77
C PHE C 310 17.79 8.94 13.34
N VAL C 311 18.37 9.46 14.41
CA VAL C 311 19.51 8.82 15.07
C VAL C 311 19.13 8.60 16.53
N LEU C 312 19.30 7.36 17.01
CA LEU C 312 18.91 6.97 18.36
C LEU C 312 20.11 7.13 19.28
N THR C 313 19.90 7.79 20.42
CA THR C 313 20.96 8.03 21.39
C THR C 313 20.62 7.31 22.68
N ARG C 314 21.45 6.36 23.06
CA ARG C 314 21.35 5.69 24.34
C ARG C 314 22.34 6.33 25.33
N THR C 315 22.53 5.68 26.48
CA THR C 315 23.42 6.21 27.51
C THR C 315 24.85 6.32 27.00
N THR C 316 25.39 5.22 26.45
CA THR C 316 26.76 5.22 25.97
C THR C 316 26.89 4.71 24.53
N LEU C 317 25.81 4.67 23.77
CA LEU C 317 25.87 4.12 22.42
C LEU C 317 25.07 5.02 21.47
N LEU C 318 25.45 4.94 20.20
CA LEU C 318 24.78 5.64 19.11
C LEU C 318 24.47 4.63 18.02
N SER C 319 23.22 4.59 17.58
CA SER C 319 22.78 3.55 16.66
C SER C 319 21.64 4.06 15.80
N ASN C 320 21.46 3.41 14.64
CA ASN C 320 20.36 3.73 13.76
C ASN C 320 19.04 3.26 14.35
N ILE C 321 17.95 3.68 13.70
CA ILE C 321 16.62 3.16 13.99
C ILE C 321 15.83 3.19 12.70
N ASP C 322 15.18 2.05 12.37
CA ASP C 322 14.39 1.93 11.15
C ASP C 322 13.02 2.54 11.43
N THR C 323 12.91 3.85 11.17
CA THR C 323 11.70 4.58 11.49
C THR C 323 10.54 4.23 10.56
N SER C 324 10.82 3.61 9.41
CA SER C 324 9.73 3.17 8.53
C SER C 324 8.87 2.11 9.19
N ARG C 325 9.50 1.15 9.86
CA ARG C 325 8.76 0.10 10.56
C ARG C 325 8.23 0.58 11.91
N CYS C 326 8.70 1.73 12.39
CA CYS C 326 8.17 2.34 13.60
C CYS C 326 7.10 3.37 13.24
N THR C 327 6.69 4.17 14.21
CA THR C 327 5.74 5.24 14.01
C THR C 327 6.22 6.48 14.74
N VAL C 328 6.24 7.61 14.03
CA VAL C 328 6.70 8.87 14.60
C VAL C 328 5.48 9.70 14.97
N THR C 329 5.30 9.93 16.26
CA THR C 329 4.21 10.75 16.76
C THR C 329 4.69 12.19 16.95
N GLU C 330 3.87 13.00 17.60
CA GLU C 330 4.23 14.41 17.81
C GLU C 330 5.42 14.57 18.74
N SER C 331 5.60 13.67 19.71
CA SER C 331 6.68 13.83 20.68
C SER C 331 7.39 12.54 21.02
N SER C 332 7.04 11.44 20.34
CA SER C 332 7.63 10.16 20.69
C SER C 332 7.67 9.25 19.46
N VAL C 333 8.55 8.24 19.54
CA VAL C 333 8.66 7.21 18.51
C VAL C 333 8.22 5.89 19.12
N ILE C 334 7.30 5.20 18.45
CA ILE C 334 6.68 3.98 18.97
C ILE C 334 7.00 2.83 18.04
N CYS C 335 7.55 1.75 18.60
CA CYS C 335 7.87 0.54 17.86
C CYS C 335 7.42 -0.66 18.65
N ASP C 336 7.10 -1.76 17.95
CA ASP C 336 6.71 -2.99 18.62
C ASP C 336 7.89 -3.76 19.17
N ASN C 337 9.12 -3.46 18.73
CA ASN C 337 10.31 -4.05 19.30
C ASN C 337 11.39 -2.97 19.37
N ASP C 338 12.60 -3.37 19.78
CA ASP C 338 13.66 -2.40 19.95
C ASP C 338 14.11 -1.82 18.61
N TYR C 339 14.32 -2.69 17.62
CA TYR C 339 14.57 -2.30 16.23
C TYR C 339 15.82 -1.43 16.06
N ALA C 340 16.72 -1.44 17.04
CA ALA C 340 17.94 -0.66 16.90
C ALA C 340 18.95 -1.41 16.05
N LEU C 341 19.63 -0.68 15.17
CA LEU C 341 20.61 -1.26 14.26
C LEU C 341 21.93 -0.51 14.40
N PRO C 342 23.05 -1.21 14.25
CA PRO C 342 24.35 -0.55 14.39
C PRO C 342 24.64 0.35 13.19
N MET C 343 25.60 1.25 13.39
CA MET C 343 25.99 2.20 12.37
C MET C 343 27.41 1.92 11.92
N SER C 344 27.70 2.25 10.66
CA SER C 344 29.03 2.03 10.12
C SER C 344 30.05 2.93 10.84
N TYR C 345 31.30 2.50 10.83
CA TYR C 345 32.35 3.30 11.48
C TYR C 345 32.53 4.65 10.80
N GLU C 346 32.31 4.71 9.47
CA GLU C 346 32.38 5.97 8.77
C GLU C 346 31.30 6.94 9.27
N LEU C 347 30.07 6.44 9.43
CA LEU C 347 28.99 7.30 9.92
C LEU C 347 29.21 7.67 11.39
N ILE C 348 29.77 6.75 12.17
CA ILE C 348 30.12 7.06 13.56
C ILE C 348 31.11 8.21 13.61
N GLY C 349 32.16 8.12 12.79
CA GLY C 349 33.14 9.21 12.74
C GLY C 349 32.53 10.51 12.25
N CYS C 350 31.62 10.41 11.29
CA CYS C 350 30.96 11.61 10.76
C CYS C 350 30.14 12.31 11.84
N LEU C 351 29.40 11.53 12.64
CA LEU C 351 28.55 12.14 13.65
C LEU C 351 29.31 12.51 14.92
N GLN C 352 30.51 11.94 15.12
CA GLN C 352 31.26 12.23 16.33
C GLN C 352 32.31 13.33 16.14
N GLY C 353 32.40 13.94 14.97
CA GLY C 353 33.30 15.06 14.75
C GLY C 353 34.27 14.89 13.59
N ASP C 354 34.53 13.68 13.14
CA ASP C 354 35.40 13.47 11.99
C ASP C 354 34.59 13.63 10.71
N THR C 355 34.28 14.87 10.34
CA THR C 355 33.34 15.14 9.26
C THR C 355 33.91 14.88 7.88
N SER C 356 35.22 14.61 7.76
CA SER C 356 35.80 14.34 6.45
C SER C 356 35.28 13.04 5.87
N LYS C 357 34.73 12.16 6.70
CA LYS C 357 34.25 10.86 6.26
C LYS C 357 32.74 10.84 5.96
N CYS C 358 32.07 11.99 6.05
CA CYS C 358 30.64 12.02 5.78
C CYS C 358 30.35 11.79 4.30
N ALA C 359 29.24 11.13 4.02
CA ALA C 359 28.80 10.95 2.64
C ALA C 359 28.16 12.23 2.14
N ARG C 360 28.44 12.58 0.88
CA ARG C 360 27.97 13.83 0.30
C ARG C 360 27.81 13.67 -1.20
N GLU C 361 26.81 14.36 -1.74
CA GLU C 361 26.49 14.27 -3.16
C GLU C 361 26.22 15.66 -3.72
N LYS C 362 26.46 15.81 -5.02
CA LYS C 362 26.26 17.08 -5.69
C LYS C 362 24.78 17.33 -5.95
N VAL C 363 24.35 18.58 -5.81
CA VAL C 363 22.94 18.93 -6.00
C VAL C 363 22.80 19.38 -7.45
N VAL C 364 22.50 18.42 -8.32
CA VAL C 364 22.11 18.75 -9.69
C VAL C 364 20.62 19.05 -9.78
N SER C 365 19.86 18.80 -8.72
CA SER C 365 18.46 19.14 -8.67
C SER C 365 18.29 20.62 -8.31
N SER C 366 17.07 21.12 -8.52
CA SER C 366 16.77 22.50 -8.18
C SER C 366 16.05 22.64 -6.85
N TYR C 367 15.67 21.52 -6.22
CA TYR C 367 14.92 21.54 -4.97
C TYR C 367 15.73 20.82 -3.89
N VAL C 368 16.22 21.60 -2.93
CA VAL C 368 16.80 21.12 -1.67
C VAL C 368 16.48 22.17 -0.61
N PRO C 369 16.35 21.80 0.65
CA PRO C 369 16.16 22.82 1.70
C PRO C 369 17.41 23.68 1.83
N ARG C 370 17.26 24.98 1.55
CA ARG C 370 18.38 25.91 1.62
C ARG C 370 18.54 26.54 3.00
N PHE C 371 17.59 26.36 3.90
CA PHE C 371 17.70 26.95 5.22
C PHE C 371 16.88 26.13 6.22
N ALA C 372 17.23 26.26 7.49
CA ALA C 372 16.51 25.59 8.56
C ALA C 372 16.63 26.40 9.82
N LEU C 373 15.68 26.19 10.73
CA LEU C 373 15.58 26.95 11.98
C LEU C 373 15.82 26.00 13.14
N SER C 374 16.79 26.37 14.00
CA SER C 374 17.12 25.52 15.19
C SER C 374 17.68 26.41 16.30
N ASP C 375 17.20 26.23 17.53
CA ASP C 375 17.65 27.06 18.68
C ASP C 375 17.34 28.53 18.40
N GLY C 376 16.27 28.81 17.65
CA GLY C 376 15.87 30.20 17.35
C GLY C 376 16.78 30.85 16.32
N LEU C 377 17.74 30.10 15.78
CA LEU C 377 18.70 30.67 14.79
C LEU C 377 18.48 29.98 13.44
N VAL C 378 18.42 30.78 12.36
CA VAL C 378 18.21 30.21 11.00
C VAL C 378 19.57 30.06 10.30
N TYR C 379 19.93 28.83 9.93
CA TYR C 379 21.17 28.60 9.19
C TYR C 379 20.82 28.53 7.71
N ALA C 380 21.50 29.33 6.90
CA ALA C 380 21.13 29.40 5.49
C ALA C 380 22.37 29.37 4.62
N ASN C 381 22.18 28.91 3.38
CA ASN C 381 23.24 28.89 2.37
C ASN C 381 23.06 30.09 1.43
N CYS C 382 23.71 31.20 1.82
CA CYS C 382 23.38 32.50 1.26
C CYS C 382 23.99 32.77 -0.10
N LEU C 383 24.81 31.88 -0.65
CA LEU C 383 25.25 32.08 -2.03
C LEU C 383 24.41 31.29 -3.01
N ASN C 384 23.61 30.34 -2.53
CA ASN C 384 22.66 29.63 -3.38
C ASN C 384 21.22 30.04 -3.10
N THR C 385 21.01 31.01 -2.21
CA THR C 385 19.70 31.62 -2.00
C THR C 385 19.92 33.02 -1.46
N ILE C 386 18.94 33.89 -1.65
CA ILE C 386 19.11 35.29 -1.26
C ILE C 386 18.93 35.42 0.25
N CYS C 387 19.76 36.26 0.87
CA CYS C 387 19.66 36.58 2.29
C CYS C 387 19.68 38.09 2.45
N ARG C 388 18.64 38.63 3.06
CA ARG C 388 18.46 40.07 3.16
C ARG C 388 18.14 40.46 4.60
N CYS C 389 18.48 41.71 4.94
CA CYS C 389 18.06 42.29 6.20
C CYS C 389 16.87 43.23 6.00
N MET C 390 15.98 43.23 6.98
CA MET C 390 14.84 44.15 6.97
C MET C 390 15.10 45.44 7.73
N ASP C 391 16.00 45.43 8.72
CA ASP C 391 16.31 46.66 9.45
C ASP C 391 16.97 47.68 8.52
N THR C 392 17.98 47.26 7.77
CA THR C 392 18.44 47.97 6.59
C THR C 392 18.34 47.02 5.39
N ASP C 393 17.67 47.45 4.34
CA ASP C 393 17.44 46.57 3.21
C ASP C 393 18.71 46.37 2.40
N THR C 394 19.68 45.66 2.99
CA THR C 394 20.97 45.40 2.31
C THR C 394 21.26 43.90 2.32
N PRO C 395 21.83 43.31 1.25
CA PRO C 395 22.17 41.89 1.22
C PRO C 395 23.40 41.54 2.06
N ILE C 396 23.27 40.56 2.95
CA ILE C 396 24.43 40.09 3.78
C ILE C 396 25.31 39.18 2.92
N SER C 397 26.63 39.27 3.09
CA SER C 397 27.54 38.44 2.30
C SER C 397 28.17 37.36 3.16
N GLN C 398 28.14 36.13 2.64
CA GLN C 398 28.80 34.99 3.25
C GLN C 398 29.97 34.58 2.37
N SER C 399 31.10 34.29 2.98
CA SER C 399 32.33 34.06 2.23
C SER C 399 32.28 32.73 1.48
N LEU C 400 33.01 32.67 0.36
CA LEU C 400 33.17 31.41 -0.37
C LEU C 400 34.00 30.40 0.41
N GLY C 401 34.76 30.85 1.41
CA GLY C 401 35.55 29.99 2.27
C GLY C 401 34.80 29.36 3.41
N THR C 402 33.50 29.61 3.53
CA THR C 402 32.68 29.00 4.56
C THR C 402 31.45 28.37 3.91
N THR C 403 30.87 27.39 4.61
CA THR C 403 29.81 26.60 4.01
C THR C 403 28.43 27.16 4.34
N VAL C 404 28.08 27.21 5.62
CA VAL C 404 26.78 27.69 6.07
C VAL C 404 27.00 28.87 7.01
N SER C 405 26.23 29.93 6.80
CA SER C 405 26.36 31.17 7.56
C SER C 405 25.36 31.18 8.71
N LEU C 406 25.83 31.58 9.89
CA LEU C 406 24.96 31.72 11.05
C LEU C 406 24.25 33.06 11.02
N LEU C 407 22.95 33.05 11.25
CA LEU C 407 22.13 34.25 11.26
C LEU C 407 21.56 34.44 12.66
N ASP C 408 21.81 35.60 13.26
CA ASP C 408 21.39 35.83 14.64
C ASP C 408 21.31 37.33 14.90
N ASN C 409 20.99 37.67 16.16
CA ASN C 409 20.68 39.05 16.54
C ASN C 409 21.92 39.89 16.78
N LYS C 410 23.12 39.33 16.67
CA LYS C 410 24.34 40.10 16.93
C LYS C 410 24.50 41.27 15.96
N LYS C 411 24.11 41.08 14.70
CA LYS C 411 24.24 42.11 13.67
C LYS C 411 22.90 42.68 13.25
N CYS C 412 21.92 41.82 13.03
CA CYS C 412 20.66 42.20 12.41
C CYS C 412 19.54 41.44 13.11
N LEU C 413 18.35 42.02 13.11
CA LEU C 413 17.30 41.52 14.00
C LEU C 413 16.28 40.64 13.26
N VAL C 414 15.92 40.98 12.03
CA VAL C 414 14.97 40.18 11.27
C VAL C 414 15.49 40.04 9.85
N TYR C 415 15.50 38.81 9.34
CA TYR C 415 16.14 38.50 8.07
C TYR C 415 15.10 37.99 7.08
N GLN C 416 15.46 38.08 5.80
CA GLN C 416 14.70 37.46 4.73
C GLN C 416 15.59 36.46 4.00
N VAL C 417 15.21 35.18 4.02
CA VAL C 417 15.93 34.13 3.30
C VAL C 417 14.99 33.57 2.22
N GLY C 418 15.47 33.59 0.97
CA GLY C 418 14.62 33.16 -0.13
C GLY C 418 13.37 34.01 -0.24
N ASP C 419 12.23 33.34 -0.30
CA ASP C 419 10.95 34.04 -0.36
C ASP C 419 10.56 34.56 1.04
N ILE C 420 10.73 33.70 2.06
CA ILE C 420 10.23 34.05 3.42
C ILE C 420 11.14 35.03 4.16
N LEU C 421 10.59 35.73 5.16
CA LEU C 421 11.40 36.64 6.01
C LEU C 421 10.98 36.37 7.45
N ILE C 422 11.94 35.96 8.31
CA ILE C 422 11.64 35.53 9.71
C ILE C 422 12.49 36.30 10.70
N SER C 423 12.03 36.40 11.95
CA SER C 423 12.84 37.04 13.02
C SER C 423 13.79 35.99 13.56
N VAL C 424 14.78 36.38 14.36
CA VAL C 424 15.78 35.39 14.79
C VAL C 424 16.23 35.69 16.21
N GLY C 425 16.42 34.66 17.03
CA GLY C 425 16.97 34.83 18.35
C GLY C 425 18.45 35.20 18.33
N SER C 426 19.13 34.86 19.42
CA SER C 426 20.51 35.27 19.64
C SER C 426 21.43 34.05 19.78
N TYR C 427 22.67 34.22 19.33
CA TYR C 427 23.69 33.18 19.44
C TYR C 427 24.10 32.91 20.88
N LEU C 428 23.91 33.86 21.79
CA LEU C 428 24.33 33.68 23.17
C LEU C 428 23.55 32.59 23.89
N GLY C 429 22.37 32.22 23.39
CA GLY C 429 21.58 31.17 24.00
C GLY C 429 22.01 29.78 23.59
#